data_5W4T
#
_entry.id   5W4T
#
_cell.length_a   178.055
_cell.length_b   115.548
_cell.length_c   67.895
_cell.angle_alpha   90.00
_cell.angle_beta   89.95
_cell.angle_gamma   90.00
#
_symmetry.space_group_name_H-M   'P 1 21 1'
#
loop_
_entity.id
_entity.type
_entity.pdbx_description
1 polymer 'Cadherin 23'
2 non-polymer 'CALCIUM ION'
3 non-polymer (4S)-2-METHYL-2,4-PENTANEDIOL
4 non-polymer (4R)-2-METHYLPENTANE-2,4-DIOL
5 water water
#
_entity_poly.entity_id   1
_entity_poly.type   'polypeptide(L)'
_entity_poly.pdbx_seq_one_letter_code
;MNQPPRFQNYFFQSYLLVYEDTPVGTSITQLQAVDPDGEPLIFGVVGEEAMRYFAVQGTTGVVWLRQPLDREAKSEMQVE
FTVSDSQGVVKDTVNIQIGDVNDNAPSFYNQPYAIQIPENTPVGTSVFMVNATDPDQGVGGSVLFSFQPPSQFFSIDGAR
GIVTVTRALDYETTIAYQLTVNATDQDKRRPLSSLANLAITITDIQDMDPIFTNLPYSTNIMEDAPPGYEVRKIRAIDQD
LGRPRGIGYTIISGNTNSMFALDYISGSLTVSGQLDRENPLYSSGFIITVKATELNDDRTPSSATVTTTFTILLIDKNDL
EHHHHHH
;
_entity_poly.pdbx_strand_id   C,A,B,D
#
loop_
_chem_comp.id
_chem_comp.type
_chem_comp.name
_chem_comp.formula
CA non-polymer 'CALCIUM ION' 'Ca 2'
MPD non-polymer (4S)-2-METHYL-2,4-PENTANEDIOL 'C6 H14 O2'
MRD non-polymer (4R)-2-METHYLPENTANE-2,4-DIOL 'C6 H14 O2'
#
# COMPACT_ATOMS: atom_id res chain seq x y z
N MET A 1 35.09 26.41 48.98
CA MET A 1 35.30 24.96 48.67
C MET A 1 35.08 24.72 47.17
N ASN A 2 36.15 24.35 46.46
CA ASN A 2 36.05 24.18 45.04
C ASN A 2 35.04 23.07 44.74
N GLN A 3 34.20 23.29 43.74
CA GLN A 3 33.19 22.32 43.30
C GLN A 3 33.51 21.75 41.94
N PRO A 4 33.25 20.44 41.75
CA PRO A 4 33.45 19.90 40.40
C PRO A 4 32.48 20.48 39.39
N PRO A 5 32.93 20.59 38.13
CA PRO A 5 32.06 21.03 37.07
C PRO A 5 30.97 20.02 36.74
N ARG A 6 29.92 20.49 36.08
CA ARG A 6 28.83 19.65 35.64
C ARG A 6 28.59 19.93 34.18
N PHE A 7 28.50 18.87 33.39
CA PHE A 7 27.98 18.94 32.05
C PHE A 7 26.50 19.31 32.07
N GLN A 8 26.06 19.94 30.96
CA GLN A 8 24.67 20.39 30.78
C GLN A 8 23.98 19.86 29.54
N ASN A 9 24.69 19.36 28.54
CA ASN A 9 24.00 19.08 27.27
C ASN A 9 22.83 18.08 27.45
N TYR A 10 21.71 18.36 26.78
CA TYR A 10 20.51 17.49 26.80
C TYR A 10 20.91 16.04 26.52
N PHE A 11 21.87 15.86 25.61
CA PHE A 11 22.18 14.53 25.11
C PHE A 11 22.85 13.59 26.10
N PHE A 12 23.32 14.11 27.23
CA PHE A 12 23.73 13.23 28.32
C PHE A 12 22.53 12.51 28.92
N GLN A 13 21.35 13.14 28.84
CA GLN A 13 20.13 12.52 29.33
C GLN A 13 19.42 11.69 28.25
N SER A 14 19.83 11.80 26.98
CA SER A 14 19.14 11.07 25.89
C SER A 14 20.09 10.47 24.82
N TYR A 15 20.25 11.11 23.67
CA TYR A 15 21.23 10.65 22.70
C TYR A 15 21.71 11.82 21.86
N LEU A 16 22.86 11.65 21.22
CA LEU A 16 23.38 12.66 20.32
C LEU A 16 23.33 12.10 18.91
N LEU A 17 22.49 12.70 18.07
CA LEU A 17 22.27 12.24 16.69
C LEU A 17 23.40 12.80 15.81
N VAL A 18 24.14 11.93 15.14
CA VAL A 18 25.14 12.33 14.14
C VAL A 18 24.87 11.56 12.88
N TYR A 19 24.48 12.23 11.80
CA TYR A 19 24.16 11.50 10.56
C TYR A 19 25.38 10.83 9.97
N GLU A 20 25.17 9.67 9.33
CA GLU A 20 26.27 8.84 8.83
C GLU A 20 27.07 9.52 7.73
N ASP A 21 26.44 10.47 7.03
CA ASP A 21 27.09 11.26 5.95
C ASP A 21 27.85 12.52 6.41
N THR A 22 27.86 12.80 7.71
CA THR A 22 28.68 13.87 8.30
C THR A 22 30.14 13.77 7.82
N PRO A 23 30.68 14.81 7.14
CA PRO A 23 32.07 14.72 6.67
C PRO A 23 33.10 14.81 7.79
N VAL A 24 34.27 14.23 7.57
CA VAL A 24 35.34 14.34 8.52
C VAL A 24 35.68 15.84 8.65
N GLY A 25 35.86 16.28 9.91
CA GLY A 25 36.13 17.69 10.23
C GLY A 25 34.92 18.49 10.68
N THR A 26 33.72 18.01 10.44
CA THR A 26 32.52 18.72 10.82
C THR A 26 32.42 18.81 12.34
N SER A 27 32.11 19.98 12.90
CA SER A 27 31.84 20.04 14.35
C SER A 27 30.45 19.48 14.61
N ILE A 28 30.37 18.38 15.33
CA ILE A 28 29.08 17.73 15.56
C ILE A 28 28.32 18.26 16.77
N THR A 29 28.99 19.08 17.62
CA THR A 29 28.36 19.65 18.82
C THR A 29 29.38 20.42 19.62
N GLN A 30 28.90 21.10 20.65
CA GLN A 30 29.75 21.74 21.61
C GLN A 30 29.35 21.36 23.03
N LEU A 31 30.27 20.78 23.78
CA LEU A 31 30.03 20.47 25.18
C LEU A 31 29.87 21.77 25.98
N GLN A 32 28.93 21.79 26.91
CA GLN A 32 28.73 22.92 27.81
C GLN A 32 28.84 22.46 29.27
N ALA A 33 29.41 23.31 30.11
CA ALA A 33 29.47 23.03 31.51
C ALA A 33 29.39 24.26 32.39
N VAL A 34 29.03 24.04 33.64
CA VAL A 34 29.04 25.09 34.66
C VAL A 34 30.01 24.75 35.76
N ASP A 35 30.69 25.75 36.28
CA ASP A 35 31.59 25.58 37.40
C ASP A 35 31.53 26.88 38.19
N PRO A 36 31.43 26.80 39.52
CA PRO A 36 31.21 28.04 40.27
C PRO A 36 32.46 28.82 40.70
N ASP A 37 33.68 28.41 40.30
CA ASP A 37 34.93 28.90 40.90
C ASP A 37 35.78 29.89 40.06
N GLY A 38 35.27 30.31 38.89
CA GLY A 38 36.00 31.28 38.05
C GLY A 38 37.36 30.74 37.61
N GLU A 39 37.33 29.59 36.95
CA GLU A 39 38.45 28.69 36.85
C GLU A 39 38.38 28.10 35.45
N PRO A 40 39.53 27.93 34.80
CA PRO A 40 39.44 27.31 33.47
C PRO A 40 39.12 25.82 33.55
N LEU A 41 38.50 25.33 32.49
CA LEU A 41 38.07 23.96 32.36
C LEU A 41 38.70 23.37 31.10
N ILE A 42 38.96 22.06 31.15
CA ILE A 42 39.46 21.31 30.02
CA ILE A 42 39.45 21.33 29.98
C ILE A 42 38.48 20.21 29.64
N PHE A 43 38.02 20.22 28.40
CA PHE A 43 37.14 19.20 27.87
C PHE A 43 37.94 18.13 27.12
N GLY A 44 37.49 16.88 27.20
CA GLY A 44 38.01 15.84 26.32
C GLY A 44 37.12 14.62 26.20
N VAL A 45 37.71 13.56 25.70
CA VAL A 45 37.00 12.32 25.42
C VAL A 45 37.95 11.15 25.69
N VAL A 46 37.40 10.05 26.22
CA VAL A 46 38.17 8.87 26.63
C VAL A 46 37.68 7.60 26.00
N GLY A 47 38.51 6.58 26.03
CA GLY A 47 38.21 5.27 25.45
C GLY A 47 38.85 5.16 24.09
N GLU A 48 39.43 4.01 23.72
CA GLU A 48 40.10 3.89 22.42
CA GLU A 48 40.11 4.00 22.43
C GLU A 48 39.15 4.05 21.22
N GLU A 49 37.93 3.50 21.29
CA GLU A 49 36.97 3.67 20.18
C GLU A 49 36.54 5.14 20.00
N ALA A 50 36.14 5.79 21.09
CA ALA A 50 35.69 7.19 21.04
C ALA A 50 36.76 8.19 20.62
N MET A 51 37.98 8.01 21.13
CA MET A 51 39.12 8.90 20.79
C MET A 51 39.56 8.75 19.35
N ARG A 52 39.24 7.62 18.73
CA ARG A 52 39.52 7.38 17.31
C ARG A 52 38.46 8.03 16.41
N TYR A 53 37.21 8.04 16.87
CA TYR A 53 36.13 8.69 16.11
C TYR A 53 35.96 10.23 16.35
N PHE A 54 36.36 10.74 17.50
CA PHE A 54 36.04 12.12 17.88
C PHE A 54 37.21 12.85 18.45
N ALA A 55 37.33 14.13 18.12
CA ALA A 55 38.34 15.00 18.68
C ALA A 55 37.61 16.10 19.44
N VAL A 56 38.10 16.43 20.62
CA VAL A 56 37.56 17.48 21.44
C VAL A 56 38.60 18.55 21.66
N GLN A 57 38.23 19.77 21.27
CA GLN A 57 39.03 20.94 21.58
C GLN A 57 38.93 21.22 23.08
N GLY A 58 40.04 21.05 23.79
CA GLY A 58 40.13 21.26 25.25
C GLY A 58 39.53 22.54 25.76
N THR A 59 39.71 23.59 25.01
CA THR A 59 39.47 24.95 25.44
C THR A 59 38.03 25.50 25.22
N THR A 60 37.30 24.91 24.27
CA THR A 60 36.03 25.40 23.81
C THR A 60 34.84 24.40 23.96
N GLY A 61 35.15 23.11 24.07
CA GLY A 61 34.12 22.07 24.10
C GLY A 61 33.69 21.51 22.73
N VAL A 62 34.23 22.06 21.65
CA VAL A 62 33.79 21.70 20.32
C VAL A 62 34.24 20.28 20.02
N VAL A 63 33.30 19.45 19.58
CA VAL A 63 33.56 18.07 19.18
C VAL A 63 33.50 17.97 17.62
N TRP A 64 34.53 17.33 17.08
CA TRP A 64 34.73 17.16 15.66
C TRP A 64 34.80 15.67 15.35
N LEU A 65 34.43 15.31 14.13
CA LEU A 65 34.47 13.92 13.68
C LEU A 65 35.82 13.68 13.03
N ARG A 66 36.56 12.65 13.50
CA ARG A 66 37.89 12.30 12.95
C ARG A 66 37.85 11.33 11.79
N GLN A 67 36.77 10.57 11.71
CA GLN A 67 36.71 9.31 10.96
C GLN A 67 35.34 9.22 10.25
N PRO A 68 35.33 8.70 9.01
CA PRO A 68 34.03 8.43 8.37
C PRO A 68 33.15 7.41 9.10
N LEU A 69 31.85 7.61 9.04
CA LEU A 69 30.85 6.76 9.68
C LEU A 69 30.06 5.97 8.66
N ASP A 70 29.43 4.91 9.11
CA ASP A 70 28.57 4.09 8.26
C ASP A 70 27.54 3.41 9.14
N ARG A 71 26.29 3.86 9.07
CA ARG A 71 25.25 3.32 9.95
C ARG A 71 25.08 1.81 9.78
N GLU A 72 25.16 1.32 8.55
CA GLU A 72 24.97 -0.09 8.24
C GLU A 72 26.10 -1.00 8.75
N ALA A 73 27.22 -0.39 9.14
CA ALA A 73 28.32 -1.08 9.79
C ALA A 73 28.23 -1.03 11.32
N LYS A 74 27.91 0.14 11.84
CA LYS A 74 27.83 0.40 13.27
CA LYS A 74 27.75 0.36 13.28
C LYS A 74 26.82 1.56 13.49
N SER A 75 25.68 1.28 14.12
CA SER A 75 24.60 2.26 14.21
C SER A 75 24.59 3.13 15.48
N GLU A 76 25.59 2.97 16.34
CA GLU A 76 25.46 3.34 17.75
C GLU A 76 26.82 3.27 18.47
N MET A 77 27.10 4.22 19.35
CA MET A 77 28.34 4.19 20.13
C MET A 77 28.11 4.77 21.52
N GLN A 78 28.63 4.10 22.52
CA GLN A 78 28.78 4.68 23.85
C GLN A 78 30.11 5.44 23.93
N VAL A 79 30.06 6.69 24.37
CA VAL A 79 31.18 7.59 24.37
C VAL A 79 31.22 8.37 25.70
N GLU A 80 32.32 8.30 26.44
CA GLU A 80 32.52 9.10 27.66
C GLU A 80 33.25 10.40 27.37
N PHE A 81 32.64 11.53 27.68
CA PHE A 81 33.35 12.82 27.66
C PHE A 81 33.81 13.16 29.07
N THR A 82 34.75 14.11 29.14
CA THR A 82 35.35 14.55 30.41
C THR A 82 35.46 16.03 30.42
N VAL A 83 35.36 16.58 31.63
CA VAL A 83 35.65 17.97 31.86
C VAL A 83 36.44 18.03 33.16
N SER A 84 37.54 18.78 33.13
CA SER A 84 38.52 18.79 34.22
C SER A 84 38.73 20.20 34.71
N ASP A 85 38.88 20.36 36.02
CA ASP A 85 39.35 21.60 36.58
C ASP A 85 40.65 21.37 37.39
N SER A 86 40.98 22.30 38.28
CA SER A 86 42.19 22.20 39.07
C SER A 86 42.14 21.10 40.14
N GLN A 87 40.98 20.47 40.31
CA GLN A 87 40.74 19.55 41.40
C GLN A 87 40.56 18.09 40.97
N GLY A 88 39.90 17.87 39.85
CA GLY A 88 39.73 16.52 39.36
C GLY A 88 39.02 16.48 38.04
N VAL A 89 38.39 15.35 37.76
CA VAL A 89 37.76 15.09 36.48
C VAL A 89 36.32 14.69 36.68
N VAL A 90 35.41 15.14 35.82
CA VAL A 90 34.09 14.51 35.79
C VAL A 90 33.87 13.90 34.42
N LYS A 91 33.29 12.70 34.44
CA LYS A 91 33.05 11.91 33.25
CA LYS A 91 33.04 11.90 33.24
C LYS A 91 31.54 11.62 33.16
N ASP A 92 30.97 11.75 31.97
CA ASP A 92 29.59 11.30 31.71
C ASP A 92 29.54 10.58 30.38
N THR A 93 28.63 9.61 30.24
CA THR A 93 28.51 8.86 28.99
C THR A 93 27.38 9.44 28.15
N VAL A 94 27.59 9.37 26.83
CA VAL A 94 26.59 9.74 25.86
C VAL A 94 26.39 8.60 24.90
N ASN A 95 25.12 8.24 24.64
CA ASN A 95 24.76 7.35 23.55
C ASN A 95 24.70 8.20 22.26
N ILE A 96 25.61 7.91 21.34
CA ILE A 96 25.69 8.60 20.06
C ILE A 96 25.01 7.73 19.00
N GLN A 97 23.87 8.17 18.49
CA GLN A 97 23.14 7.43 17.47
C GLN A 97 23.58 7.92 16.10
N ILE A 98 23.95 6.98 15.25
CA ILE A 98 24.35 7.27 13.89
C ILE A 98 23.11 7.32 13.03
N GLY A 99 22.70 8.51 12.62
CA GLY A 99 21.48 8.68 11.81
C GLY A 99 21.64 8.18 10.40
N ASP A 100 20.53 7.73 9.82
CA ASP A 100 20.55 7.04 8.51
C ASP A 100 20.36 8.02 7.39
N VAL A 101 21.08 7.81 6.30
CA VAL A 101 20.68 8.38 5.01
C VAL A 101 20.51 7.23 4.04
N ASN A 102 19.72 7.49 3.00
CA ASN A 102 19.47 6.52 1.99
C ASN A 102 20.69 6.43 1.09
N ASP A 103 21.57 5.49 1.40
CA ASP A 103 22.81 5.31 0.66
C ASP A 103 23.05 3.88 0.16
N ASN A 104 22.00 3.07 0.10
CA ASN A 104 22.08 1.71 -0.43
C ASN A 104 20.93 1.47 -1.37
N ALA A 105 21.22 0.86 -2.51
CA ALA A 105 20.19 0.38 -3.42
C ALA A 105 19.56 -0.92 -2.87
N PRO A 106 18.33 -1.26 -3.32
CA PRO A 106 17.84 -2.60 -3.00
C PRO A 106 18.68 -3.68 -3.68
N SER A 107 18.83 -4.81 -2.99
CA SER A 107 19.50 -6.00 -3.54
C SER A 107 18.48 -7.12 -3.76
N PHE A 108 18.40 -7.63 -4.98
CA PHE A 108 17.70 -8.89 -5.25
C PHE A 108 18.50 -10.09 -4.70
N TYR A 109 17.80 -11.11 -4.23
CA TYR A 109 18.42 -12.40 -3.91
C TYR A 109 17.60 -13.59 -4.44
N ASN A 110 18.21 -14.79 -4.35
CA ASN A 110 17.72 -16.02 -5.00
C ASN A 110 17.67 -15.97 -6.53
N GLN A 111 18.54 -15.16 -7.15
CA GLN A 111 18.73 -15.16 -8.62
C GLN A 111 19.56 -16.38 -9.00
N PRO A 112 19.50 -16.83 -10.24
CA PRO A 112 18.65 -16.30 -11.31
C PRO A 112 17.16 -16.64 -11.16
N TYR A 113 16.33 -15.71 -11.62
CA TYR A 113 14.89 -15.85 -11.61
C TYR A 113 14.40 -16.42 -12.94
N ALA A 114 13.85 -17.62 -12.90
CA ALA A 114 13.22 -18.22 -14.08
C ALA A 114 12.10 -19.24 -13.70
N ILE A 115 11.05 -19.29 -14.51
CA ILE A 115 9.96 -20.26 -14.33
C ILE A 115 9.46 -20.83 -15.64
N GLN A 116 8.91 -22.04 -15.52
CA GLN A 116 8.15 -22.73 -16.57
C GLN A 116 6.67 -22.79 -16.17
N ILE A 117 5.79 -22.24 -17.00
CA ILE A 117 4.35 -22.41 -16.79
C ILE A 117 3.60 -22.78 -18.05
N PRO A 118 2.51 -23.57 -17.89
CA PRO A 118 1.76 -24.01 -19.06
C PRO A 118 0.82 -22.91 -19.59
N GLU A 119 0.58 -22.94 -20.89
CA GLU A 119 -0.24 -21.93 -21.57
C GLU A 119 -1.68 -21.78 -21.06
N ASN A 120 -2.25 -22.83 -20.47
CA ASN A 120 -3.58 -22.78 -19.83
C ASN A 120 -3.59 -22.34 -18.36
N THR A 121 -2.51 -21.69 -17.89
CA THR A 121 -2.49 -21.13 -16.54
C THR A 121 -3.61 -20.07 -16.48
N PRO A 122 -4.48 -20.16 -15.47
CA PRO A 122 -5.56 -19.21 -15.39
C PRO A 122 -5.08 -17.81 -15.12
N VAL A 123 -5.74 -16.84 -15.75
CA VAL A 123 -5.64 -15.43 -15.37
C VAL A 123 -5.98 -15.29 -13.89
N GLY A 124 -5.11 -14.62 -13.15
CA GLY A 124 -5.28 -14.41 -11.71
C GLY A 124 -4.22 -15.13 -10.90
N THR A 125 -3.62 -16.17 -11.49
CA THR A 125 -2.73 -17.07 -10.80
C THR A 125 -1.41 -16.39 -10.53
N SER A 126 -0.86 -16.63 -9.35
CA SER A 126 0.41 -16.07 -9.02
C SER A 126 1.49 -17.13 -9.25
N VAL A 127 2.48 -16.78 -10.05
CA VAL A 127 3.43 -17.74 -10.59
C VAL A 127 4.86 -17.56 -10.07
N PHE A 128 5.17 -16.44 -9.42
CA PHE A 128 6.50 -16.20 -8.90
C PHE A 128 6.53 -15.15 -7.81
N MET A 129 7.53 -15.23 -6.94
CA MET A 129 7.82 -14.12 -6.03
C MET A 129 9.29 -13.73 -6.07
N VAL A 130 9.55 -12.44 -6.33
CA VAL A 130 10.90 -11.90 -6.23
C VAL A 130 11.19 -11.57 -4.74
N ASN A 131 12.48 -11.54 -4.38
CA ASN A 131 12.91 -11.17 -3.04
C ASN A 131 13.99 -10.10 -3.10
N ALA A 132 13.84 -9.07 -2.28
CA ALA A 132 14.82 -7.99 -2.20
C ALA A 132 14.91 -7.35 -0.82
N THR A 133 16.13 -7.10 -0.36
CA THR A 133 16.36 -6.30 0.86
C THR A 133 17.06 -4.98 0.54
N ASP A 134 16.91 -4.06 1.47
CA ASP A 134 17.50 -2.72 1.43
C ASP A 134 17.78 -2.40 2.89
N PRO A 135 19.06 -2.25 3.27
CA PRO A 135 19.42 -2.12 4.68
C PRO A 135 19.18 -0.76 5.33
N ASP A 136 18.77 0.26 4.56
CA ASP A 136 18.51 1.60 5.11
C ASP A 136 17.21 1.59 5.93
N GLN A 137 16.96 2.67 6.67
CA GLN A 137 15.82 2.77 7.57
C GLN A 137 14.74 3.61 6.96
N GLY A 138 13.54 3.47 7.51
CA GLY A 138 12.39 4.23 7.08
C GLY A 138 12.03 3.99 5.63
N VAL A 139 11.47 5.03 5.00
CA VAL A 139 11.07 4.96 3.61
C VAL A 139 12.25 4.60 2.69
N GLY A 140 13.48 4.90 3.10
CA GLY A 140 14.69 4.49 2.37
C GLY A 140 15.00 3.02 2.33
N GLY A 141 14.33 2.25 3.21
CA GLY A 141 14.35 0.80 3.18
C GLY A 141 13.07 0.11 2.70
N SER A 142 12.06 0.88 2.33
CA SER A 142 10.81 0.31 1.92
C SER A 142 10.87 0.14 0.43
N VAL A 143 10.61 -1.07 -0.07
CA VAL A 143 10.82 -1.37 -1.48
C VAL A 143 9.51 -1.46 -2.26
N LEU A 144 9.47 -0.81 -3.43
CA LEU A 144 8.42 -1.01 -4.44
C LEU A 144 8.95 -1.67 -5.70
N PHE A 145 8.30 -2.78 -6.08
CA PHE A 145 8.58 -3.52 -7.30
C PHE A 145 7.69 -3.10 -8.44
N SER A 146 8.22 -3.12 -9.64
CA SER A 146 7.44 -2.87 -10.87
C SER A 146 8.14 -3.52 -12.09
N PHE A 147 7.41 -3.67 -13.19
CA PHE A 147 8.01 -4.13 -14.45
C PHE A 147 8.39 -2.89 -15.27
N GLN A 148 9.63 -2.87 -15.80
CA GLN A 148 10.09 -1.83 -16.77
C GLN A 148 10.78 -2.51 -17.95
N PRO A 149 10.22 -2.46 -19.16
CA PRO A 149 8.89 -1.89 -19.44
C PRO A 149 7.77 -2.72 -18.81
N PRO A 150 6.57 -2.13 -18.63
CA PRO A 150 5.40 -2.90 -18.15
C PRO A 150 4.98 -4.03 -19.10
N SER A 151 4.32 -5.05 -18.56
CA SER A 151 3.86 -6.18 -19.37
C SER A 151 2.34 -6.19 -19.53
N GLN A 152 1.89 -6.57 -20.72
CA GLN A 152 0.45 -6.80 -20.99
C GLN A 152 -0.08 -8.13 -20.40
N PHE A 153 0.84 -9.07 -20.14
CA PHE A 153 0.50 -10.44 -19.77
C PHE A 153 0.76 -10.78 -18.30
N PHE A 154 1.65 -10.02 -17.63
CA PHE A 154 1.98 -10.25 -16.22
C PHE A 154 1.94 -8.92 -15.49
N SER A 155 1.63 -8.97 -14.19
CA SER A 155 1.77 -7.84 -13.25
C SER A 155 2.55 -8.28 -12.06
N ILE A 156 3.12 -7.30 -11.36
CA ILE A 156 3.85 -7.57 -10.12
C ILE A 156 3.32 -6.63 -9.07
N ASP A 157 3.06 -7.15 -7.87
CA ASP A 157 2.52 -6.39 -6.76
C ASP A 157 3.60 -5.50 -6.17
N GLY A 158 3.30 -4.19 -6.08
CA GLY A 158 4.29 -3.19 -5.68
C GLY A 158 5.02 -3.52 -4.38
N ALA A 159 4.24 -3.97 -3.39
CA ALA A 159 4.78 -4.23 -2.05
C ALA A 159 5.29 -5.64 -1.89
N ARG A 160 4.50 -6.65 -2.33
CA ARG A 160 4.82 -8.06 -2.06
CA ARG A 160 4.82 -8.07 -2.06
C ARG A 160 5.74 -8.72 -3.12
N GLY A 161 5.86 -8.12 -4.30
CA GLY A 161 6.74 -8.67 -5.34
C GLY A 161 6.26 -9.97 -5.98
N ILE A 162 4.94 -10.21 -5.90
CA ILE A 162 4.29 -11.41 -6.45
C ILE A 162 3.84 -11.15 -7.88
N VAL A 163 4.26 -12.04 -8.77
CA VAL A 163 3.93 -11.94 -10.17
C VAL A 163 2.69 -12.77 -10.46
N THR A 164 1.71 -12.14 -11.11
CA THR A 164 0.49 -12.78 -11.55
C THR A 164 0.32 -12.70 -13.06
N VAL A 165 -0.42 -13.68 -13.62
CA VAL A 165 -0.78 -13.66 -15.02
C VAL A 165 -2.04 -12.81 -15.15
N THR A 166 -1.98 -11.79 -16.00
CA THR A 166 -3.11 -10.87 -16.18
C THR A 166 -3.84 -11.00 -17.51
N ARG A 167 -3.27 -11.72 -18.48
CA ARG A 167 -3.99 -12.10 -19.72
C ARG A 167 -3.70 -13.51 -20.17
N ALA A 168 -4.70 -14.13 -20.79
CA ALA A 168 -4.60 -15.48 -21.33
C ALA A 168 -3.34 -15.65 -22.18
N LEU A 169 -2.58 -16.69 -21.82
CA LEU A 169 -1.35 -17.06 -22.49
C LEU A 169 -1.68 -18.00 -23.64
N ASP A 170 -0.67 -18.25 -24.47
CA ASP A 170 -0.85 -19.01 -25.69
C ASP A 170 0.52 -19.38 -26.26
N TYR A 171 0.91 -20.63 -26.07
CA TYR A 171 2.13 -21.22 -26.63
C TYR A 171 2.26 -20.98 -28.14
N GLU A 172 1.14 -21.04 -28.85
CA GLU A 172 1.11 -20.93 -30.32
C GLU A 172 1.50 -19.53 -30.83
N THR A 173 1.44 -18.51 -29.95
CA THR A 173 1.83 -17.13 -30.27
C THR A 173 3.20 -16.75 -29.68
N THR A 174 3.40 -17.05 -28.40
CA THR A 174 4.57 -16.59 -27.62
C THR A 174 5.07 -17.69 -26.62
N ILE A 175 6.29 -18.21 -26.87
CA ILE A 175 6.89 -19.28 -26.02
C ILE A 175 7.77 -18.77 -24.87
N ALA A 176 8.20 -17.52 -24.91
CA ALA A 176 9.10 -16.98 -23.88
C ALA A 176 8.85 -15.50 -23.63
N TYR A 177 8.81 -15.14 -22.35
CA TYR A 177 8.84 -13.75 -21.93
C TYR A 177 10.15 -13.42 -21.18
N GLN A 178 10.85 -12.37 -21.64
CA GLN A 178 11.97 -11.81 -20.89
C GLN A 178 11.50 -10.52 -20.24
N LEU A 179 11.25 -10.60 -18.94
CA LEU A 179 10.80 -9.45 -18.19
C LEU A 179 11.94 -8.87 -17.37
N THR A 180 11.75 -7.61 -16.98
CA THR A 180 12.71 -6.88 -16.17
C THR A 180 12.02 -6.27 -14.96
N VAL A 181 12.42 -6.73 -13.77
CA VAL A 181 11.89 -6.23 -12.51
C VAL A 181 12.75 -5.07 -12.00
N ASN A 182 12.08 -4.02 -11.53
CA ASN A 182 12.71 -2.86 -10.91
C ASN A 182 12.35 -2.84 -9.44
N ALA A 183 13.36 -2.68 -8.58
CA ALA A 183 13.15 -2.49 -7.14
C ALA A 183 13.62 -1.07 -6.78
N THR A 184 12.71 -0.19 -6.36
CA THR A 184 13.04 1.19 -5.98
C THR A 184 12.67 1.42 -4.52
N ASP A 185 13.57 2.05 -3.75
CA ASP A 185 13.20 2.54 -2.40
C ASP A 185 12.35 3.82 -2.45
N GLN A 186 11.73 4.17 -1.33
CA GLN A 186 10.72 5.23 -1.32
C GLN A 186 11.22 6.59 -0.80
N ASP A 187 12.53 6.76 -0.72
CA ASP A 187 13.11 7.99 -0.21
C ASP A 187 12.96 9.06 -1.27
N LYS A 188 12.18 10.09 -0.98
CA LYS A 188 11.77 10.99 -2.04
C LYS A 188 12.85 12.00 -2.45
N ARG A 189 13.75 12.38 -1.55
CA ARG A 189 14.86 13.26 -1.93
C ARG A 189 15.85 12.52 -2.88
N ARG A 190 16.35 11.34 -2.48
CA ARG A 190 17.31 10.57 -3.30
C ARG A 190 16.96 9.08 -3.43
N PRO A 191 16.04 8.73 -4.36
CA PRO A 191 15.64 7.33 -4.52
C PRO A 191 16.75 6.50 -5.20
N LEU A 192 16.74 5.21 -4.95
CA LEU A 192 17.75 4.31 -5.50
C LEU A 192 17.11 3.01 -5.87
N SER A 193 17.61 2.42 -6.94
CA SER A 193 16.98 1.28 -7.50
C SER A 193 17.98 0.34 -8.14
N SER A 194 17.50 -0.86 -8.41
CA SER A 194 18.27 -1.85 -9.13
C SER A 194 17.31 -2.80 -9.87
N LEU A 195 17.90 -3.64 -10.73
CA LEU A 195 17.17 -4.41 -11.74
C LEU A 195 17.49 -5.88 -11.64
N ALA A 196 16.50 -6.72 -11.97
CA ALA A 196 16.72 -8.15 -12.14
C ALA A 196 15.89 -8.70 -13.29
N ASN A 197 16.47 -9.65 -14.03
CA ASN A 197 15.79 -10.29 -15.13
C ASN A 197 14.91 -11.39 -14.55
N LEU A 198 13.74 -11.58 -15.19
CA LEU A 198 12.84 -12.69 -14.89
C LEU A 198 12.49 -13.37 -16.21
N ALA A 199 12.79 -14.66 -16.28
CA ALA A 199 12.64 -15.49 -17.50
C ALA A 199 11.44 -16.41 -17.34
N ILE A 200 10.38 -16.17 -18.11
CA ILE A 200 9.21 -17.04 -18.08
C ILE A 200 9.15 -17.87 -19.36
N THR A 201 9.34 -19.19 -19.23
CA THR A 201 9.08 -20.12 -20.34
C THR A 201 7.59 -20.54 -20.33
N ILE A 202 6.99 -20.65 -21.52
CA ILE A 202 5.63 -21.17 -21.68
C ILE A 202 5.67 -22.61 -22.18
N THR A 203 4.73 -23.40 -21.72
CA THR A 203 4.71 -24.81 -21.92
C THR A 203 3.46 -25.19 -22.72
N ASP A 204 3.60 -26.19 -23.59
CA ASP A 204 2.50 -26.57 -24.49
C ASP A 204 1.45 -27.43 -23.82
N ILE A 205 0.20 -27.15 -24.19
CA ILE A 205 -0.99 -27.91 -23.81
C ILE A 205 -1.74 -28.30 -25.10
N GLN A 206 -2.31 -29.49 -25.15
CA GLN A 206 -3.14 -29.90 -26.30
C GLN A 206 -4.39 -29.01 -26.43
N ASP A 207 -4.32 -28.01 -27.29
CA ASP A 207 -5.47 -27.13 -27.58
C ASP A 207 -5.60 -26.75 -29.06
N MET A 208 -4.97 -27.53 -29.95
CA MET A 208 -5.02 -27.23 -31.38
C MET A 208 -5.40 -28.49 -32.14
N ASP A 209 -6.36 -28.34 -33.03
CA ASP A 209 -6.72 -29.40 -33.93
C ASP A 209 -5.58 -29.77 -34.89
N PRO A 210 -5.58 -31.01 -35.40
CA PRO A 210 -4.62 -31.35 -36.44
C PRO A 210 -4.98 -30.68 -37.76
N ILE A 211 -4.03 -30.68 -38.69
CA ILE A 211 -4.18 -29.99 -39.97
C ILE A 211 -3.53 -30.82 -41.08
N PHE A 212 -4.12 -30.81 -42.27
CA PHE A 212 -3.58 -31.53 -43.43
C PHE A 212 -2.43 -30.76 -44.11
N THR A 213 -1.36 -31.49 -44.39
CA THR A 213 -0.20 -31.02 -45.16
C THR A 213 -0.36 -31.30 -46.68
N ASN A 214 0.35 -30.52 -47.50
CA ASN A 214 0.47 -30.81 -48.95
C ASN A 214 -0.89 -30.86 -49.63
N LEU A 215 -1.80 -29.99 -49.25
CA LEU A 215 -3.08 -29.80 -49.97
C LEU A 215 -2.79 -29.11 -51.30
N PRO A 216 -3.71 -29.16 -52.28
CA PRO A 216 -4.95 -29.97 -52.23
C PRO A 216 -4.70 -31.44 -52.60
N TYR A 217 -5.71 -32.29 -52.41
CA TYR A 217 -5.56 -33.74 -52.65
C TYR A 217 -6.22 -34.29 -53.93
N SER A 218 -7.06 -33.49 -54.60
CA SER A 218 -7.72 -33.93 -55.84
C SER A 218 -6.66 -34.42 -56.82
N THR A 219 -6.81 -35.66 -57.29
CA THR A 219 -5.84 -36.32 -58.19
C THR A 219 -6.55 -36.98 -59.39
N ASN A 220 -5.90 -36.92 -60.55
CA ASN A 220 -6.29 -37.70 -61.73
C ASN A 220 -5.44 -38.97 -61.82
N ILE A 221 -6.08 -40.11 -62.09
CA ILE A 221 -5.35 -41.37 -62.27
C ILE A 221 -5.75 -42.10 -63.53
N MET A 222 -4.84 -42.93 -64.02
CA MET A 222 -5.12 -43.78 -65.17
C MET A 222 -6.25 -44.73 -64.80
N GLU A 223 -7.19 -44.93 -65.73
CA GLU A 223 -8.27 -45.91 -65.56
C GLU A 223 -7.76 -47.35 -65.49
N ASP A 224 -6.56 -47.59 -66.05
CA ASP A 224 -5.95 -48.92 -65.99
C ASP A 224 -5.20 -49.22 -64.68
N ALA A 225 -5.00 -48.21 -63.83
CA ALA A 225 -4.20 -48.35 -62.60
C ALA A 225 -4.57 -49.56 -61.70
N PRO A 226 -3.60 -50.44 -61.43
CA PRO A 226 -3.86 -51.71 -60.75
C PRO A 226 -4.04 -51.60 -59.25
N PRO A 227 -4.57 -52.66 -58.60
CA PRO A 227 -4.57 -52.78 -57.12
C PRO A 227 -3.16 -52.66 -56.54
N GLY A 228 -3.03 -51.89 -55.46
CA GLY A 228 -1.74 -51.61 -54.80
C GLY A 228 -1.10 -50.29 -55.21
N TYR A 229 -1.55 -49.69 -56.31
CA TYR A 229 -1.05 -48.40 -56.75
C TYR A 229 -1.45 -47.30 -55.75
N GLU A 230 -0.47 -46.49 -55.35
CA GLU A 230 -0.67 -45.39 -54.42
C GLU A 230 -1.14 -44.16 -55.16
N VAL A 231 -2.37 -43.75 -54.89
CA VAL A 231 -2.94 -42.51 -55.43
C VAL A 231 -2.24 -41.28 -54.85
N ARG A 232 -1.93 -41.35 -53.55
CA ARG A 232 -1.41 -40.23 -52.81
C ARG A 232 -1.08 -40.72 -51.42
N LYS A 233 0.01 -40.22 -50.84
CA LYS A 233 0.23 -40.33 -49.39
C LYS A 233 -0.38 -39.11 -48.68
N ILE A 234 -1.36 -39.36 -47.82
CA ILE A 234 -2.10 -38.34 -47.10
C ILE A 234 -1.39 -38.14 -45.78
N ARG A 235 -1.22 -36.89 -45.39
CA ARG A 235 -0.45 -36.57 -44.18
C ARG A 235 -1.06 -35.40 -43.38
N ALA A 236 -1.14 -35.58 -42.08
CA ALA A 236 -1.61 -34.54 -41.17
C ALA A 236 -0.74 -34.55 -39.94
N ILE A 237 -0.67 -33.40 -39.29
CA ILE A 237 0.14 -33.22 -38.07
C ILE A 237 -0.69 -32.59 -36.98
N ASP A 238 -0.35 -32.91 -35.74
CA ASP A 238 -0.80 -32.20 -34.58
C ASP A 238 -0.10 -30.84 -34.63
N GLN A 239 -0.88 -29.76 -34.65
CA GLN A 239 -0.35 -28.38 -34.56
C GLN A 239 0.20 -28.00 -33.17
N ASP A 240 -0.04 -28.82 -32.15
CA ASP A 240 0.59 -28.69 -30.84
C ASP A 240 2.00 -29.27 -30.88
N LEU A 241 3.00 -28.43 -31.10
CA LEU A 241 4.32 -28.92 -31.53
C LEU A 241 5.21 -29.38 -30.39
N GLY A 242 4.80 -29.12 -29.15
CA GLY A 242 5.61 -29.45 -27.98
C GLY A 242 5.56 -30.90 -27.57
N ARG A 243 4.46 -31.59 -27.81
CA ARG A 243 4.40 -33.05 -27.53
C ARG A 243 3.33 -33.71 -28.40
N PRO A 244 3.66 -33.88 -29.70
CA PRO A 244 2.63 -34.17 -30.66
C PRO A 244 2.08 -35.57 -30.48
N ARG A 245 0.84 -35.71 -30.85
CA ARG A 245 0.16 -36.97 -30.79
C ARG A 245 0.13 -37.63 -32.18
N GLY A 246 0.08 -38.95 -32.18
CA GLY A 246 -0.03 -39.72 -33.40
C GLY A 246 -1.37 -39.48 -34.05
N ILE A 247 -1.45 -39.88 -35.30
CA ILE A 247 -2.59 -39.58 -36.10
CA ILE A 247 -2.60 -39.59 -36.14
C ILE A 247 -3.18 -40.89 -36.67
N GLY A 248 -4.50 -41.01 -36.67
CA GLY A 248 -5.20 -42.12 -37.31
C GLY A 248 -5.94 -41.60 -38.55
N TYR A 249 -5.81 -42.28 -39.69
CA TYR A 249 -6.44 -41.83 -40.97
C TYR A 249 -7.56 -42.74 -41.40
N THR A 250 -8.74 -42.16 -41.63
CA THR A 250 -9.92 -42.92 -42.09
C THR A 250 -10.56 -42.29 -43.32
N ILE A 251 -11.20 -43.12 -44.14
CA ILE A 251 -12.08 -42.66 -45.22
C ILE A 251 -13.49 -42.57 -44.66
N ILE A 252 -14.15 -41.41 -44.72
CA ILE A 252 -15.51 -41.19 -44.14
CA ILE A 252 -15.48 -41.31 -44.12
C ILE A 252 -16.63 -41.39 -45.14
N SER A 253 -16.38 -41.05 -46.40
CA SER A 253 -17.46 -41.03 -47.39
C SER A 253 -16.95 -41.05 -48.80
N GLY A 254 -17.86 -41.36 -49.74
CA GLY A 254 -17.60 -41.29 -51.17
C GLY A 254 -16.74 -42.39 -51.78
N ASN A 255 -16.30 -43.36 -50.98
CA ASN A 255 -15.46 -44.48 -51.46
C ASN A 255 -16.32 -45.58 -52.07
N THR A 256 -16.84 -45.29 -53.25
CA THR A 256 -17.87 -46.08 -53.89
C THR A 256 -17.32 -47.45 -54.22
N ASN A 257 -18.05 -48.48 -53.82
CA ASN A 257 -17.64 -49.86 -54.05
C ASN A 257 -16.35 -50.28 -53.37
N SER A 258 -15.98 -49.59 -52.29
CA SER A 258 -14.72 -49.83 -51.61
C SER A 258 -13.55 -49.85 -52.60
N MET A 259 -13.57 -48.90 -53.54
CA MET A 259 -12.55 -48.87 -54.61
C MET A 259 -11.16 -48.57 -54.11
N PHE A 260 -11.07 -47.71 -53.08
CA PHE A 260 -9.79 -47.31 -52.51
C PHE A 260 -9.69 -47.77 -51.06
N ALA A 261 -8.43 -47.85 -50.58
CA ALA A 261 -8.10 -48.22 -49.19
C ALA A 261 -7.12 -47.21 -48.60
N LEU A 262 -7.31 -46.85 -47.34
CA LEU A 262 -6.46 -45.85 -46.70
C LEU A 262 -5.84 -46.46 -45.47
N ASP A 263 -4.51 -46.50 -45.40
CA ASP A 263 -3.83 -47.16 -44.29
C ASP A 263 -3.94 -46.27 -43.06
N TYR A 264 -4.36 -46.88 -41.94
CA TYR A 264 -4.76 -46.15 -40.73
C TYR A 264 -3.61 -45.38 -40.12
N ILE A 265 -2.41 -45.94 -40.19
CA ILE A 265 -1.24 -45.31 -39.63
C ILE A 265 -0.45 -44.51 -40.68
N SER A 266 -0.17 -45.08 -41.84
CA SER A 266 0.75 -44.45 -42.80
C SER A 266 0.11 -43.38 -43.70
N GLY A 267 -1.21 -43.37 -43.82
CA GLY A 267 -1.92 -42.45 -44.74
C GLY A 267 -1.83 -42.77 -46.23
N SER A 268 -1.28 -43.93 -46.57
CA SER A 268 -1.17 -44.39 -47.95
C SER A 268 -2.56 -44.68 -48.52
N LEU A 269 -3.02 -43.82 -49.43
CA LEU A 269 -4.32 -44.04 -50.10
C LEU A 269 -4.10 -44.81 -51.38
N THR A 270 -4.58 -46.05 -51.45
CA THR A 270 -4.28 -46.93 -52.59
C THR A 270 -5.53 -47.42 -53.33
N VAL A 271 -5.31 -47.94 -54.53
CA VAL A 271 -6.36 -48.55 -55.31
C VAL A 271 -6.47 -49.95 -54.77
N SER A 272 -7.71 -50.37 -54.57
CA SER A 272 -8.03 -51.65 -53.98
C SER A 272 -8.80 -52.53 -54.97
N GLY A 273 -9.85 -51.96 -55.57
CA GLY A 273 -10.65 -52.63 -56.57
C GLY A 273 -10.07 -52.56 -57.98
N GLN A 274 -10.87 -53.02 -58.93
CA GLN A 274 -10.58 -52.92 -60.35
C GLN A 274 -11.35 -51.73 -60.89
N LEU A 275 -10.63 -50.75 -61.40
CA LEU A 275 -11.26 -49.56 -61.96
C LEU A 275 -12.01 -49.85 -63.28
N ASP A 276 -13.23 -49.33 -63.36
CA ASP A 276 -14.10 -49.42 -64.55
C ASP A 276 -14.79 -48.04 -64.79
N ARG A 277 -14.12 -47.17 -65.57
CA ARG A 277 -14.45 -45.71 -65.70
C ARG A 277 -15.94 -45.34 -65.90
N GLU A 278 -16.66 -46.15 -66.69
CA GLU A 278 -18.03 -45.85 -67.12
C GLU A 278 -19.11 -46.63 -66.39
N ASN A 279 -18.76 -47.41 -65.37
CA ASN A 279 -19.77 -48.02 -64.49
C ASN A 279 -20.66 -46.89 -63.93
N PRO A 280 -22.02 -46.99 -64.06
CA PRO A 280 -22.92 -45.89 -63.64
C PRO A 280 -22.85 -45.55 -62.16
N LEU A 281 -22.31 -46.45 -61.33
CA LEU A 281 -22.06 -46.14 -59.91
C LEU A 281 -20.99 -45.06 -59.69
N TYR A 282 -20.08 -44.89 -60.65
CA TYR A 282 -19.02 -43.89 -60.46
C TYR A 282 -18.46 -43.27 -61.75
N SER A 283 -19.35 -43.10 -62.73
CA SER A 283 -18.96 -42.51 -64.02
C SER A 283 -18.48 -41.04 -63.86
N SER A 284 -19.06 -40.32 -62.88
CA SER A 284 -18.63 -38.93 -62.55
C SER A 284 -17.28 -38.81 -61.79
N GLY A 285 -16.79 -39.93 -61.22
CA GLY A 285 -15.60 -39.94 -60.35
C GLY A 285 -15.95 -40.12 -58.87
N PHE A 286 -14.96 -39.97 -58.02
CA PHE A 286 -15.11 -40.19 -56.58
C PHE A 286 -14.92 -38.88 -55.84
N ILE A 287 -15.92 -38.48 -55.04
CA ILE A 287 -15.78 -37.36 -54.12
C ILE A 287 -15.56 -37.98 -52.73
N ILE A 288 -14.27 -38.14 -52.41
CA ILE A 288 -13.81 -38.79 -51.17
C ILE A 288 -13.61 -37.76 -50.05
N THR A 289 -14.10 -38.07 -48.85
CA THR A 289 -13.71 -37.34 -47.65
C THR A 289 -12.85 -38.23 -46.72
N VAL A 290 -11.83 -37.61 -46.12
CA VAL A 290 -10.81 -38.28 -45.34
C VAL A 290 -10.67 -37.54 -44.00
N LYS A 291 -10.56 -38.30 -42.91
CA LYS A 291 -10.41 -37.74 -41.55
C LYS A 291 -9.07 -38.12 -40.92
N ALA A 292 -8.37 -37.14 -40.36
CA ALA A 292 -7.22 -37.39 -39.49
C ALA A 292 -7.65 -37.13 -38.07
N THR A 293 -7.41 -38.09 -37.20
CA THR A 293 -7.79 -38.02 -35.80
C THR A 293 -6.53 -38.15 -34.94
N GLU A 294 -6.34 -37.21 -34.01
CA GLU A 294 -5.24 -37.29 -33.06
C GLU A 294 -5.54 -38.41 -32.09
N LEU A 295 -4.53 -39.19 -31.75
CA LEU A 295 -4.71 -40.33 -30.86
C LEU A 295 -4.11 -40.09 -29.50
N ASN A 296 -4.73 -40.66 -28.46
CA ASN A 296 -4.12 -40.69 -27.12
C ASN A 296 -2.94 -41.64 -27.10
N ASP A 297 -2.08 -41.53 -26.09
CA ASP A 297 -0.88 -42.38 -25.96
C ASP A 297 -1.23 -43.82 -26.22
N ASP A 298 -2.33 -44.27 -25.62
CA ASP A 298 -2.76 -45.67 -25.74
C ASP A 298 -3.58 -46.01 -27.00
N ARG A 299 -3.55 -45.12 -28.00
CA ARG A 299 -4.07 -45.37 -29.36
C ARG A 299 -5.60 -45.25 -29.53
N THR A 300 -6.33 -44.94 -28.45
CA THR A 300 -7.75 -44.72 -28.56
C THR A 300 -7.93 -43.31 -29.07
N PRO A 301 -8.97 -43.04 -29.87
CA PRO A 301 -9.14 -41.71 -30.46
C PRO A 301 -9.44 -40.61 -29.47
N SER A 302 -8.95 -39.41 -29.82
CA SER A 302 -9.35 -38.17 -29.16
C SER A 302 -10.47 -37.47 -29.96
N SER A 303 -10.85 -36.29 -29.51
CA SER A 303 -11.81 -35.44 -30.21
C SER A 303 -11.19 -34.47 -31.18
N ALA A 304 -9.87 -34.41 -31.27
CA ALA A 304 -9.21 -33.50 -32.21
C ALA A 304 -9.09 -34.14 -33.60
N THR A 305 -9.89 -33.62 -34.52
CA THR A 305 -10.04 -34.16 -35.87
C THR A 305 -10.00 -33.05 -36.94
N VAL A 306 -9.69 -33.46 -38.15
CA VAL A 306 -9.76 -32.58 -39.30
C VAL A 306 -10.19 -33.42 -40.51
N THR A 307 -11.01 -32.85 -41.38
CA THR A 307 -11.45 -33.53 -42.60
C THR A 307 -11.12 -32.68 -43.81
N THR A 308 -10.80 -33.33 -44.92
CA THR A 308 -10.72 -32.69 -46.23
C THR A 308 -11.41 -33.55 -47.30
N THR A 309 -12.10 -32.89 -48.22
CA THR A 309 -12.84 -33.53 -49.32
C THR A 309 -12.18 -33.17 -50.65
N PHE A 310 -11.93 -34.19 -51.46
CA PHE A 310 -11.27 -34.03 -52.74
C PHE A 310 -11.82 -35.02 -53.79
N THR A 311 -11.62 -34.70 -55.07
CA THR A 311 -12.10 -35.54 -56.18
C THR A 311 -10.98 -36.39 -56.77
N ILE A 312 -11.24 -37.69 -56.99
CA ILE A 312 -10.40 -38.52 -57.88
C ILE A 312 -11.13 -38.82 -59.21
N LEU A 313 -10.57 -38.30 -60.31
CA LEU A 313 -11.08 -38.59 -61.66
C LEU A 313 -10.26 -39.71 -62.34
N LEU A 314 -10.95 -40.43 -63.22
CA LEU A 314 -10.36 -41.50 -64.01
C LEU A 314 -10.21 -41.04 -65.47
N ILE A 315 -9.04 -41.31 -66.09
CA ILE A 315 -8.72 -40.90 -67.49
C ILE A 315 -8.63 -42.08 -68.53
N ASP A 316 -8.98 -41.87 -69.82
CA ASP A 316 -8.60 -42.83 -70.95
C ASP A 316 -7.07 -43.10 -71.01
N MET B 1 -19.19 -45.06 -43.35
N MET B 1 -20.81 -45.45 -42.91
CA MET B 1 -18.62 -45.51 -42.04
CA MET B 1 -19.45 -45.47 -42.28
C MET B 1 -19.27 -44.72 -40.88
C MET B 1 -19.49 -44.70 -40.93
N ASN B 2 -19.71 -45.43 -39.84
CA ASN B 2 -19.91 -44.83 -38.50
C ASN B 2 -18.69 -43.98 -38.12
N GLN B 3 -18.91 -42.80 -37.56
CA GLN B 3 -17.80 -41.98 -37.04
C GLN B 3 -17.79 -41.92 -35.52
N PRO B 4 -16.59 -41.86 -34.91
CA PRO B 4 -16.60 -41.67 -33.46
C PRO B 4 -17.16 -40.31 -33.05
N PRO B 5 -17.80 -40.24 -31.88
CA PRO B 5 -18.24 -38.94 -31.39
C PRO B 5 -17.09 -38.02 -31.07
N ARG B 6 -17.44 -36.75 -30.88
CA ARG B 6 -16.50 -35.72 -30.49
C ARG B 6 -17.05 -34.87 -29.40
N PHE B 7 -16.23 -34.68 -28.36
CA PHE B 7 -16.51 -33.72 -27.31
C PHE B 7 -16.41 -32.31 -27.85
N GLN B 8 -17.19 -31.38 -27.29
CA GLN B 8 -17.18 -29.96 -27.71
C GLN B 8 -16.80 -28.93 -26.66
N ASN B 9 -16.80 -29.29 -25.39
CA ASN B 9 -16.73 -28.26 -24.34
C ASN B 9 -15.41 -27.42 -24.44
N TYR B 10 -15.49 -26.11 -24.20
CA TYR B 10 -14.33 -25.18 -24.27
C TYR B 10 -13.23 -25.77 -23.40
N PHE B 11 -13.60 -26.35 -22.25
CA PHE B 11 -12.63 -26.74 -21.25
C PHE B 11 -11.71 -27.88 -21.61
N PHE B 12 -12.01 -28.59 -22.68
CA PHE B 12 -11.05 -29.56 -23.20
C PHE B 12 -9.85 -28.86 -23.85
N GLN B 13 -10.00 -27.58 -24.17
CA GLN B 13 -8.92 -26.79 -24.74
C GLN B 13 -8.21 -25.87 -23.69
N SER B 14 -8.77 -25.72 -22.50
CA SER B 14 -8.20 -24.82 -21.49
C SER B 14 -8.28 -25.35 -20.06
N TYR B 15 -9.38 -25.08 -19.35
CA TYR B 15 -9.58 -25.60 -18.00
C TYR B 15 -11.02 -25.41 -17.56
N LEU B 16 -11.42 -26.29 -16.65
CA LEU B 16 -12.73 -26.22 -16.04
C LEU B 16 -12.55 -25.80 -14.59
N LEU B 17 -13.08 -24.63 -14.27
CA LEU B 17 -13.00 -24.07 -12.93
C LEU B 17 -14.12 -24.65 -12.08
N VAL B 18 -13.77 -25.22 -10.92
CA VAL B 18 -14.72 -25.65 -9.89
C VAL B 18 -14.29 -25.10 -8.54
N TYR B 19 -15.08 -24.23 -7.93
CA TYR B 19 -14.66 -23.58 -6.69
C TYR B 19 -14.61 -24.58 -5.57
N GLU B 20 -13.64 -24.40 -4.67
CA GLU B 20 -13.38 -25.34 -3.59
C GLU B 20 -14.54 -25.51 -2.62
N ASP B 21 -15.42 -24.51 -2.55
CA ASP B 21 -16.63 -24.56 -1.70
C ASP B 21 -17.90 -25.14 -2.37
N THR B 22 -17.79 -25.56 -3.64
CA THR B 22 -18.85 -26.33 -4.32
C THR B 22 -19.33 -27.51 -3.46
N PRO B 23 -20.61 -27.50 -3.04
CA PRO B 23 -21.12 -28.63 -2.24
C PRO B 23 -21.30 -29.92 -3.01
N VAL B 24 -21.19 -31.03 -2.28
CA VAL B 24 -21.30 -32.35 -2.83
C VAL B 24 -22.73 -32.46 -3.39
N GLY B 25 -22.84 -32.97 -4.63
CA GLY B 25 -24.14 -33.09 -5.31
C GLY B 25 -24.39 -32.05 -6.39
N THR B 26 -23.62 -30.98 -6.39
CA THR B 26 -23.76 -29.88 -7.33
C THR B 26 -23.32 -30.28 -8.74
N SER B 27 -24.04 -29.88 -9.78
CA SER B 27 -23.61 -30.15 -11.14
C SER B 27 -22.55 -29.14 -11.47
N ILE B 28 -21.37 -29.62 -11.80
CA ILE B 28 -20.29 -28.73 -12.14
C ILE B 28 -20.29 -28.43 -13.63
N THR B 29 -20.99 -29.21 -14.45
CA THR B 29 -20.99 -28.99 -15.89
C THR B 29 -21.82 -30.02 -16.59
N GLN B 30 -21.95 -29.85 -17.89
CA GLN B 30 -22.53 -30.87 -18.72
C GLN B 30 -21.66 -31.11 -19.95
N LEU B 31 -21.17 -32.32 -20.07
CA LEU B 31 -20.44 -32.74 -21.26
C LEU B 31 -21.37 -32.63 -22.49
N GLN B 32 -20.83 -32.13 -23.59
CA GLN B 32 -21.54 -32.04 -24.85
C GLN B 32 -20.74 -32.78 -25.89
N ALA B 33 -21.46 -33.46 -26.76
CA ALA B 33 -20.84 -34.10 -27.89
C ALA B 33 -21.69 -34.13 -29.13
N VAL B 34 -21.01 -34.49 -30.19
CA VAL B 34 -21.49 -34.44 -31.53
C VAL B 34 -21.22 -35.81 -32.21
N ASP B 35 -22.23 -36.39 -32.83
CA ASP B 35 -22.08 -37.67 -33.51
C ASP B 35 -23.01 -37.73 -34.70
N PRO B 36 -22.51 -38.17 -35.86
CA PRO B 36 -23.32 -38.02 -37.10
C PRO B 36 -24.29 -39.16 -37.42
N ASP B 37 -24.35 -40.21 -36.60
CA ASP B 37 -25.02 -41.49 -36.95
C ASP B 37 -26.40 -41.71 -36.30
N GLY B 38 -26.90 -40.72 -35.56
CA GLY B 38 -28.18 -40.82 -34.90
C GLY B 38 -28.25 -42.01 -33.95
N GLU B 39 -27.24 -42.17 -33.10
CA GLU B 39 -27.19 -43.29 -32.17
C GLU B 39 -27.04 -42.73 -30.77
N PRO B 40 -27.44 -43.52 -29.78
CA PRO B 40 -27.27 -43.02 -28.42
C PRO B 40 -25.80 -43.04 -27.98
N LEU B 41 -25.47 -42.16 -27.06
CA LEU B 41 -24.11 -42.02 -26.57
C LEU B 41 -24.09 -42.24 -25.05
N ILE B 42 -22.97 -42.75 -24.55
CA ILE B 42 -22.76 -42.90 -23.12
C ILE B 42 -21.56 -42.06 -22.70
N PHE B 43 -21.79 -41.12 -21.79
CA PHE B 43 -20.75 -40.34 -21.15
C PHE B 43 -20.23 -41.00 -19.84
N GLY B 44 -18.94 -40.84 -19.59
CA GLY B 44 -18.35 -41.28 -18.33
C GLY B 44 -17.05 -40.60 -17.97
N VAL B 45 -16.44 -41.09 -16.91
CA VAL B 45 -15.18 -40.60 -16.40
C VAL B 45 -14.36 -41.81 -15.94
N VAL B 46 -13.05 -41.66 -16.04
CA VAL B 46 -12.10 -42.75 -16.01
C VAL B 46 -10.99 -42.33 -15.05
N GLY B 47 -10.26 -43.27 -14.46
CA GLY B 47 -9.18 -42.95 -13.51
C GLY B 47 -9.59 -43.10 -12.04
N GLU B 48 -8.70 -43.60 -11.19
CA GLU B 48 -9.06 -43.90 -9.82
C GLU B 48 -9.46 -42.65 -9.05
N GLU B 49 -8.66 -41.60 -9.19
CA GLU B 49 -8.90 -40.31 -8.52
C GLU B 49 -10.14 -39.59 -9.09
N ALA B 50 -10.23 -39.51 -10.41
CA ALA B 50 -11.36 -38.84 -11.03
C ALA B 50 -12.72 -39.47 -10.65
N MET B 51 -12.78 -40.81 -10.67
CA MET B 51 -14.02 -41.53 -10.37
C MET B 51 -14.44 -41.36 -8.91
N ARG B 52 -13.50 -41.09 -8.00
CA ARG B 52 -13.84 -40.78 -6.59
C ARG B 52 -14.40 -39.36 -6.42
N TYR B 53 -13.86 -38.42 -7.19
CA TYR B 53 -14.30 -37.03 -7.10
C TYR B 53 -15.54 -36.70 -7.94
N PHE B 54 -15.71 -37.35 -9.09
CA PHE B 54 -16.76 -36.98 -10.04
C PHE B 54 -17.61 -38.14 -10.45
N ALA B 55 -18.91 -37.89 -10.57
CA ALA B 55 -19.86 -38.86 -11.12
C ALA B 55 -20.38 -38.26 -12.40
N VAL B 56 -20.52 -39.09 -13.44
CA VAL B 56 -21.07 -38.67 -14.72
C VAL B 56 -22.31 -39.49 -15.01
N GLN B 57 -23.40 -38.78 -15.33
CA GLN B 57 -24.62 -39.42 -15.77
C GLN B 57 -24.45 -39.84 -17.22
N GLY B 58 -24.48 -41.14 -17.47
CA GLY B 58 -24.13 -41.71 -18.76
C GLY B 58 -25.01 -41.18 -19.86
N THR B 59 -26.27 -41.03 -19.53
CA THR B 59 -27.29 -40.77 -20.51
C THR B 59 -27.43 -39.26 -20.88
N THR B 60 -26.90 -38.35 -20.06
CA THR B 60 -27.10 -36.90 -20.20
C THR B 60 -25.84 -36.00 -20.25
N GLY B 61 -24.71 -36.52 -19.81
CA GLY B 61 -23.48 -35.74 -19.78
C GLY B 61 -23.23 -34.90 -18.55
N VAL B 62 -24.17 -34.89 -17.61
CA VAL B 62 -24.09 -34.02 -16.41
C VAL B 62 -23.04 -34.62 -15.49
N VAL B 63 -22.23 -33.75 -14.91
CA VAL B 63 -21.12 -34.14 -14.04
C VAL B 63 -21.39 -33.54 -12.66
N TRP B 64 -21.32 -34.38 -11.64
CA TRP B 64 -21.59 -34.01 -10.26
C TRP B 64 -20.34 -34.21 -9.41
N LEU B 65 -20.20 -33.40 -8.36
CA LEU B 65 -19.14 -33.56 -7.40
C LEU B 65 -19.54 -34.60 -6.36
N ARG B 66 -18.66 -35.58 -6.10
CA ARG B 66 -18.89 -36.65 -5.13
C ARG B 66 -18.28 -36.42 -3.77
N GLN B 67 -17.07 -35.82 -3.73
CA GLN B 67 -16.33 -35.50 -2.48
C GLN B 67 -16.17 -33.99 -2.30
N PRO B 68 -16.08 -33.53 -1.04
CA PRO B 68 -15.65 -32.16 -0.80
C PRO B 68 -14.26 -31.89 -1.35
N LEU B 69 -14.05 -30.66 -1.86
CA LEU B 69 -12.76 -30.18 -2.33
C LEU B 69 -12.11 -29.24 -1.31
N ASP B 70 -10.81 -29.02 -1.47
CA ASP B 70 -10.06 -28.06 -0.65
C ASP B 70 -8.83 -27.59 -1.42
N ARG B 71 -8.84 -26.34 -1.87
CA ARG B 71 -7.76 -25.85 -2.72
C ARG B 71 -6.37 -25.89 -2.06
N GLU B 72 -6.32 -25.66 -0.75
CA GLU B 72 -5.07 -25.64 0.00
C GLU B 72 -4.45 -27.02 0.16
N ALA B 73 -5.21 -28.08 -0.11
CA ALA B 73 -4.67 -29.44 -0.14
C ALA B 73 -4.35 -29.96 -1.55
N LYS B 74 -5.17 -29.59 -2.52
CA LYS B 74 -4.95 -29.95 -3.91
C LYS B 74 -5.65 -28.93 -4.80
N SER B 75 -4.89 -28.18 -5.59
CA SER B 75 -5.43 -27.04 -6.34
C SER B 75 -5.84 -27.38 -7.77
N GLU B 76 -5.72 -28.64 -8.15
CA GLU B 76 -5.63 -29.01 -9.54
C GLU B 76 -5.76 -30.51 -9.69
N MET B 77 -6.50 -30.94 -10.69
CA MET B 77 -6.43 -32.33 -11.07
C MET B 77 -6.67 -32.52 -12.56
N GLN B 78 -6.01 -33.54 -13.10
CA GLN B 78 -6.14 -33.97 -14.47
C GLN B 78 -7.12 -35.13 -14.51
N VAL B 79 -8.10 -35.06 -15.41
CA VAL B 79 -9.27 -35.93 -15.38
C VAL B 79 -9.69 -36.33 -16.79
N GLU B 80 -9.69 -37.64 -17.11
CA GLU B 80 -10.15 -38.12 -18.44
C GLU B 80 -11.65 -38.38 -18.48
N PHE B 81 -12.36 -37.80 -19.43
CA PHE B 81 -13.76 -38.12 -19.66
C PHE B 81 -13.86 -38.99 -20.89
N THR B 82 -14.99 -39.70 -20.99
CA THR B 82 -15.24 -40.63 -22.08
C THR B 82 -16.61 -40.43 -22.63
N VAL B 83 -16.73 -40.72 -23.91
CA VAL B 83 -17.99 -40.77 -24.59
C VAL B 83 -17.93 -41.95 -25.57
N SER B 84 -18.95 -42.79 -25.52
CA SER B 84 -18.97 -44.06 -26.25
C SER B 84 -20.20 -44.20 -27.16
N ASP B 85 -19.97 -44.76 -28.34
CA ASP B 85 -21.05 -45.17 -29.19
C ASP B 85 -21.02 -46.72 -29.38
N SER B 86 -21.76 -47.18 -30.38
CA SER B 86 -21.81 -48.58 -30.74
C SER B 86 -20.49 -49.14 -31.24
N GLN B 87 -19.51 -48.26 -31.54
CA GLN B 87 -18.26 -48.65 -32.17
C GLN B 87 -17.04 -48.61 -31.26
N GLY B 88 -16.98 -47.67 -30.33
CA GLY B 88 -15.80 -47.57 -29.47
C GLY B 88 -15.91 -46.41 -28.51
N VAL B 89 -14.77 -45.98 -28.00
CA VAL B 89 -14.69 -45.00 -26.95
C VAL B 89 -13.80 -43.85 -27.36
N VAL B 90 -14.23 -42.62 -27.14
CA VAL B 90 -13.31 -41.51 -27.26
C VAL B 90 -13.08 -40.86 -25.89
N LYS B 91 -11.86 -40.42 -25.69
CA LYS B 91 -11.35 -40.12 -24.38
C LYS B 91 -10.63 -38.79 -24.48
N ASP B 92 -10.94 -37.83 -23.61
CA ASP B 92 -10.20 -36.55 -23.59
C ASP B 92 -9.90 -36.07 -22.19
N THR B 93 -8.71 -35.50 -22.03
CA THR B 93 -8.20 -35.04 -20.74
C THR B 93 -8.61 -33.58 -20.52
N VAL B 94 -9.01 -33.29 -19.28
CA VAL B 94 -9.36 -31.94 -18.84
C VAL B 94 -8.54 -31.54 -17.62
N ASN B 95 -7.96 -30.34 -17.66
CA ASN B 95 -7.34 -29.74 -16.47
C ASN B 95 -8.48 -29.06 -15.67
N ILE B 96 -8.75 -29.61 -14.48
CA ILE B 96 -9.74 -29.04 -13.55
C ILE B 96 -9.03 -28.16 -12.51
N GLN B 97 -9.38 -26.88 -12.46
CA GLN B 97 -8.77 -25.96 -11.47
C GLN B 97 -9.73 -25.81 -10.33
N ILE B 98 -9.23 -26.07 -9.13
CA ILE B 98 -9.99 -25.87 -7.93
C ILE B 98 -9.88 -24.41 -7.59
N GLY B 99 -10.97 -23.68 -7.71
CA GLY B 99 -10.97 -22.24 -7.46
C GLY B 99 -10.94 -21.93 -6.00
N ASP B 100 -10.35 -20.80 -5.65
CA ASP B 100 -10.11 -20.44 -4.25
C ASP B 100 -11.26 -19.62 -3.73
N VAL B 101 -11.61 -19.84 -2.48
CA VAL B 101 -12.30 -18.83 -1.71
C VAL B 101 -11.51 -18.56 -0.43
N ASN B 102 -11.75 -17.39 0.15
CA ASN B 102 -11.12 -17.00 1.38
C ASN B 102 -11.73 -17.83 2.50
N ASP B 103 -11.04 -18.91 2.86
CA ASP B 103 -11.50 -19.80 3.93
C ASP B 103 -10.44 -20.07 5.00
N ASN B 104 -9.36 -19.30 5.01
CA ASN B 104 -8.31 -19.42 6.03
C ASN B 104 -7.99 -18.05 6.60
N ALA B 105 -7.88 -17.98 7.92
CA ALA B 105 -7.43 -16.76 8.59
C ALA B 105 -5.89 -16.69 8.54
N PRO B 106 -5.29 -15.49 8.73
CA PRO B 106 -3.82 -15.46 8.77
C PRO B 106 -3.27 -16.13 10.03
N SER B 107 -2.12 -16.78 9.89
CA SER B 107 -1.42 -17.40 11.01
C SER B 107 -0.14 -16.65 11.30
N PHE B 108 0.01 -16.21 12.55
CA PHE B 108 1.28 -15.66 13.02
C PHE B 108 2.26 -16.81 13.21
N TYR B 109 3.55 -16.57 12.93
CA TYR B 109 4.62 -17.51 13.32
C TYR B 109 5.78 -16.79 14.02
N ASN B 110 6.71 -17.59 14.56
CA ASN B 110 7.79 -17.16 15.46
C ASN B 110 7.31 -16.52 16.76
N GLN B 111 6.17 -16.98 17.29
CA GLN B 111 5.70 -16.56 18.64
C GLN B 111 6.43 -17.36 19.72
N PRO B 112 6.55 -16.84 20.93
CA PRO B 112 5.96 -15.58 21.38
C PRO B 112 6.76 -14.37 20.98
N TYR B 113 6.07 -13.24 20.86
CA TYR B 113 6.66 -11.99 20.46
C TYR B 113 7.02 -11.14 21.67
N ALA B 114 8.31 -10.83 21.83
CA ALA B 114 8.73 -10.03 22.98
C ALA B 114 10.12 -9.36 22.80
N ILE B 115 10.19 -8.08 23.17
CA ILE B 115 11.44 -7.33 23.07
C ILE B 115 11.71 -6.50 24.30
N GLN B 116 13.01 -6.27 24.50
CA GLN B 116 13.56 -5.35 25.48
C GLN B 116 14.13 -4.14 24.74
N ILE B 117 13.66 -2.94 25.07
CA ILE B 117 14.27 -1.71 24.52
C ILE B 117 14.53 -0.59 25.53
N PRO B 118 15.63 0.16 25.34
CA PRO B 118 15.95 1.24 26.27
C PRO B 118 15.04 2.45 26.10
N GLU B 119 14.84 3.17 27.19
CA GLU B 119 13.97 4.34 27.19
C GLU B 119 14.42 5.47 26.27
N ASN B 120 15.71 5.52 25.92
CA ASN B 120 16.24 6.51 24.93
C ASN B 120 16.29 5.99 23.47
N THR B 121 15.47 5.00 23.14
CA THR B 121 15.30 4.59 21.75
C THR B 121 14.72 5.79 20.98
N PRO B 122 15.40 6.23 19.92
CA PRO B 122 14.89 7.35 19.15
C PRO B 122 13.52 7.09 18.55
N VAL B 123 12.70 8.12 18.46
CA VAL B 123 11.51 8.10 17.66
C VAL B 123 11.91 7.82 16.23
N GLY B 124 11.18 6.94 15.57
CA GLY B 124 11.45 6.55 14.18
C GLY B 124 12.10 5.19 14.09
N THR B 125 12.63 4.70 15.21
CA THR B 125 13.39 3.45 15.21
C THR B 125 12.44 2.28 15.06
N SER B 126 12.78 1.38 14.17
CA SER B 126 11.98 0.18 14.03
C SER B 126 12.53 -0.89 15.00
N VAL B 127 11.67 -1.41 15.85
CA VAL B 127 12.12 -2.26 16.97
C VAL B 127 11.72 -3.72 16.87
N PHE B 128 10.83 -4.06 15.94
CA PHE B 128 10.34 -5.44 15.81
C PHE B 128 9.66 -5.71 14.48
N MET B 129 9.70 -6.97 14.02
CA MET B 129 8.89 -7.39 12.87
C MET B 129 8.05 -8.62 13.19
N VAL B 130 6.72 -8.49 13.09
CA VAL B 130 5.81 -9.64 13.14
C VAL B 130 5.84 -10.38 11.80
N ASN B 131 5.54 -11.67 11.83
CA ASN B 131 5.47 -12.53 10.64
C ASN B 131 4.15 -13.26 10.58
N ALA B 132 3.51 -13.29 9.40
CA ALA B 132 2.27 -14.02 9.21
C ALA B 132 2.02 -14.50 7.78
N THR B 133 1.49 -15.72 7.65
CA THR B 133 1.09 -16.27 6.34
C THR B 133 -0.42 -16.50 6.29
N ASP B 134 -0.93 -16.56 5.06
CA ASP B 134 -2.32 -16.80 4.76
C ASP B 134 -2.30 -17.53 3.43
N PRO B 135 -2.69 -18.82 3.43
CA PRO B 135 -2.53 -19.67 2.24
C PRO B 135 -3.49 -19.40 1.10
N ASP B 136 -4.51 -18.58 1.31
CA ASP B 136 -5.49 -18.29 0.25
C ASP B 136 -4.87 -17.47 -0.89
N GLN B 137 -5.58 -17.33 -2.00
CA GLN B 137 -5.08 -16.63 -3.17
C GLN B 137 -5.64 -15.24 -3.26
N GLY B 138 -4.99 -14.42 -4.08
CA GLY B 138 -5.43 -13.08 -4.36
C GLY B 138 -5.47 -12.20 -3.12
N VAL B 139 -6.47 -11.33 -3.06
CA VAL B 139 -6.61 -10.39 -1.95
C VAL B 139 -6.95 -11.11 -0.65
N GLY B 140 -7.56 -12.28 -0.74
CA GLY B 140 -7.79 -13.12 0.44
C GLY B 140 -6.55 -13.70 1.08
N GLY B 141 -5.41 -13.62 0.40
CA GLY B 141 -4.09 -13.92 1.00
C GLY B 141 -3.21 -12.72 1.30
N SER B 142 -3.71 -11.52 1.08
CA SER B 142 -2.94 -10.31 1.29
C SER B 142 -3.20 -9.89 2.74
N VAL B 143 -2.14 -9.80 3.54
CA VAL B 143 -2.30 -9.43 4.97
C VAL B 143 -2.05 -7.95 5.25
N LEU B 144 -2.99 -7.34 6.00
CA LEU B 144 -2.77 -6.03 6.66
C LEU B 144 -2.71 -6.14 8.19
N PHE B 145 -1.64 -5.58 8.76
CA PHE B 145 -1.39 -5.52 10.18
C PHE B 145 -1.86 -4.21 10.79
N SER B 146 -2.34 -4.29 12.02
CA SER B 146 -2.73 -3.12 12.81
C SER B 146 -2.71 -3.45 14.31
N PHE B 147 -2.69 -2.40 15.14
CA PHE B 147 -2.74 -2.56 16.59
C PHE B 147 -4.20 -2.37 16.99
N GLN B 148 -4.70 -3.26 17.86
CA GLN B 148 -6.08 -3.18 18.40
C GLN B 148 -6.08 -3.55 19.89
N PRO B 149 -6.18 -2.56 20.80
CA PRO B 149 -6.34 -1.13 20.50
C PRO B 149 -5.08 -0.47 19.92
N PRO B 150 -5.23 0.66 19.22
CA PRO B 150 -4.06 1.43 18.69
C PRO B 150 -3.20 2.01 19.79
N SER B 151 -1.93 2.28 19.50
CA SER B 151 -0.99 2.78 20.52
C SER B 151 -0.53 4.23 20.28
N GLN B 152 -0.47 4.99 21.36
CA GLN B 152 0.13 6.34 21.33
C GLN B 152 1.66 6.33 21.08
N PHE B 153 2.32 5.26 21.52
CA PHE B 153 3.80 5.20 21.52
C PHE B 153 4.43 4.39 20.40
N PHE B 154 3.71 3.40 19.86
CA PHE B 154 4.21 2.57 18.75
C PHE B 154 3.21 2.51 17.60
N SER B 155 3.72 2.29 16.39
CA SER B 155 2.93 1.99 15.19
C SER B 155 3.46 0.76 14.50
N ILE B 156 2.61 0.19 13.66
CA ILE B 156 2.94 -0.98 12.87
C ILE B 156 2.53 -0.72 11.44
N ASP B 157 3.43 -1.05 10.50
CA ASP B 157 3.24 -0.80 9.08
C ASP B 157 2.18 -1.78 8.55
N GLY B 158 1.15 -1.26 7.88
CA GLY B 158 0.04 -2.12 7.41
C GLY B 158 0.53 -3.33 6.63
N ALA B 159 1.41 -3.08 5.67
CA ALA B 159 1.81 -4.11 4.73
C ALA B 159 2.94 -4.99 5.25
N ARG B 160 3.99 -4.40 5.85
CA ARG B 160 5.19 -5.20 6.21
CA ARG B 160 5.22 -5.14 6.21
C ARG B 160 5.30 -5.59 7.69
N GLY B 161 4.40 -5.11 8.53
CA GLY B 161 4.36 -5.53 9.94
C GLY B 161 5.54 -5.12 10.83
N ILE B 162 6.19 -4.01 10.47
CA ILE B 162 7.32 -3.46 11.22
C ILE B 162 6.83 -2.46 12.25
N VAL B 163 7.26 -2.65 13.49
CA VAL B 163 6.85 -1.85 14.61
C VAL B 163 7.90 -0.76 14.83
N THR B 164 7.43 0.48 14.88
CA THR B 164 8.28 1.63 15.12
C THR B 164 7.85 2.37 16.38
N VAL B 165 8.81 3.02 17.02
CA VAL B 165 8.52 3.91 18.13
C VAL B 165 8.06 5.25 17.55
N THR B 166 6.83 5.65 17.84
CA THR B 166 6.30 6.95 17.39
C THR B 166 6.36 8.09 18.42
N ARG B 167 6.62 7.78 19.70
CA ARG B 167 6.75 8.80 20.78
C ARG B 167 7.89 8.49 21.74
N ALA B 168 8.52 9.54 22.26
CA ALA B 168 9.56 9.39 23.28
C ALA B 168 9.05 8.53 24.46
N LEU B 169 9.85 7.53 24.80
CA LEU B 169 9.57 6.58 25.86
C LEU B 169 10.14 7.11 27.16
N ASP B 170 9.81 6.44 28.27
CA ASP B 170 10.23 6.88 29.59
C ASP B 170 10.02 5.80 30.64
N TYR B 171 11.09 5.11 31.00
CA TYR B 171 11.13 4.11 32.07
C TYR B 171 10.44 4.59 33.35
N GLU B 172 10.65 5.85 33.69
CA GLU B 172 10.11 6.44 34.92
C GLU B 172 8.58 6.54 34.94
N THR B 173 7.94 6.60 33.76
CA THR B 173 6.46 6.62 33.65
C THR B 173 5.87 5.23 33.38
N THR B 174 6.41 4.54 32.37
CA THR B 174 5.88 3.25 31.86
C THR B 174 7.01 2.22 31.57
N ILE B 175 7.03 1.11 32.33
CA ILE B 175 8.05 0.06 32.18
C ILE B 175 7.70 -1.02 31.16
N ALA B 176 6.40 -1.17 30.84
CA ALA B 176 5.92 -2.29 30.00
C ALA B 176 4.69 -1.96 29.17
N TYR B 177 4.72 -2.41 27.92
CA TYR B 177 3.58 -2.30 27.04
C TYR B 177 3.15 -3.70 26.57
N GLN B 178 1.87 -4.04 26.80
CA GLN B 178 1.26 -5.21 26.20
CA GLN B 178 1.20 -5.22 26.21
C GLN B 178 0.40 -4.74 25.00
N LEU B 179 0.90 -5.01 23.79
CA LEU B 179 0.18 -4.63 22.58
C LEU B 179 -0.46 -5.85 21.92
N THR B 180 -1.56 -5.59 21.21
CA THR B 180 -2.26 -6.62 20.45
C THR B 180 -2.21 -6.33 18.96
N VAL B 181 -1.55 -7.22 18.23
CA VAL B 181 -1.49 -7.15 16.78
C VAL B 181 -2.66 -7.91 16.14
N ASN B 182 -3.36 -7.23 15.24
CA ASN B 182 -4.39 -7.84 14.40
C ASN B 182 -3.82 -8.03 12.99
N ALA B 183 -3.98 -9.23 12.45
CA ALA B 183 -3.69 -9.53 11.04
C ALA B 183 -5.00 -9.85 10.33
N THR B 184 -5.35 -9.07 9.30
CA THR B 184 -6.59 -9.27 8.54
C THR B 184 -6.24 -9.40 7.09
N ASP B 185 -6.87 -10.36 6.43
CA ASP B 185 -6.79 -10.44 4.97
C ASP B 185 -7.76 -9.43 4.31
N GLN B 186 -7.60 -9.23 3.02
CA GLN B 186 -8.23 -8.12 2.30
C GLN B 186 -9.43 -8.49 1.44
N ASP B 187 -10.05 -9.64 1.72
CA ASP B 187 -11.24 -10.11 0.98
C ASP B 187 -12.43 -9.26 1.40
N LYS B 188 -12.95 -8.43 0.49
CA LYS B 188 -14.06 -7.51 0.79
CA LYS B 188 -14.04 -7.52 0.86
C LYS B 188 -15.32 -8.26 1.28
N ARG B 189 -15.71 -9.28 0.53
CA ARG B 189 -16.98 -9.99 0.83
C ARG B 189 -16.97 -10.73 2.19
N ARG B 190 -15.84 -11.35 2.57
CA ARG B 190 -15.74 -12.15 3.81
C ARG B 190 -14.31 -12.17 4.43
N PRO B 191 -13.93 -11.10 5.14
CA PRO B 191 -12.57 -11.00 5.69
C PRO B 191 -12.35 -11.82 6.96
N LEU B 192 -11.13 -12.34 7.14
CA LEU B 192 -10.77 -13.14 8.32
C LEU B 192 -9.53 -12.62 9.04
N SER B 193 -9.54 -12.79 10.36
CA SER B 193 -8.56 -12.17 11.25
C SER B 193 -8.03 -13.13 12.26
N SER B 194 -6.84 -12.85 12.73
CA SER B 194 -6.36 -13.43 13.96
C SER B 194 -5.49 -12.40 14.71
N LEU B 195 -5.12 -12.75 15.94
CA LEU B 195 -4.53 -11.82 16.89
C LEU B 195 -3.29 -12.41 17.49
N ALA B 196 -2.32 -11.55 17.78
CA ALA B 196 -1.13 -11.96 18.51
C ALA B 196 -0.69 -10.90 19.51
N ASN B 197 -0.26 -11.36 20.68
CA ASN B 197 0.29 -10.48 21.70
C ASN B 197 1.73 -10.13 21.37
N LEU B 198 2.12 -8.90 21.70
CA LEU B 198 3.48 -8.42 21.60
C LEU B 198 3.84 -7.71 22.89
N ALA B 199 4.84 -8.22 23.59
CA ALA B 199 5.28 -7.68 24.90
C ALA B 199 6.57 -6.84 24.76
N ILE B 200 6.50 -5.59 25.20
CA ILE B 200 7.63 -4.69 25.11
C ILE B 200 8.06 -4.27 26.51
N THR B 201 9.21 -4.76 26.94
CA THR B 201 9.86 -4.27 28.18
C THR B 201 10.72 -3.01 27.87
N ILE B 202 10.57 -1.97 28.68
CA ILE B 202 11.43 -0.79 28.60
C ILE B 202 12.52 -0.93 29.63
N THR B 203 13.77 -0.72 29.22
CA THR B 203 14.90 -0.71 30.18
C THR B 203 15.31 0.72 30.52
N ASP B 204 16.02 0.84 31.64
CA ASP B 204 16.36 2.12 32.26
C ASP B 204 17.68 2.65 31.75
N ILE B 205 17.71 3.96 31.55
CA ILE B 205 18.90 4.74 31.20
C ILE B 205 19.08 5.80 32.28
N GLN B 206 20.34 6.11 32.61
CA GLN B 206 20.67 7.22 33.52
C GLN B 206 20.21 8.56 32.95
N ASP B 207 19.03 9.01 33.37
CA ASP B 207 18.49 10.31 32.94
C ASP B 207 17.79 11.09 34.07
N MET B 208 18.07 10.73 35.32
CA MET B 208 17.42 11.33 36.48
C MET B 208 18.46 11.71 37.52
N ASP B 209 18.35 12.93 38.03
CA ASP B 209 19.23 13.39 39.10
C ASP B 209 18.97 12.65 40.41
N PRO B 210 19.94 12.66 41.33
CA PRO B 210 19.66 12.10 42.63
C PRO B 210 18.73 13.00 43.42
N ILE B 211 18.17 12.48 44.50
CA ILE B 211 17.23 13.22 45.31
C ILE B 211 17.50 12.88 46.77
N PHE B 212 17.34 13.88 47.66
CA PHE B 212 17.53 13.67 49.10
C PHE B 212 16.27 13.04 49.68
N THR B 213 16.45 12.02 50.51
CA THR B 213 15.38 11.41 51.34
C THR B 213 15.31 12.02 52.77
N ASN B 214 14.14 11.93 53.39
CA ASN B 214 13.95 12.33 54.81
C ASN B 214 14.20 13.82 55.10
N LEU B 215 13.86 14.68 54.14
CA LEU B 215 13.83 16.15 54.34
C LEU B 215 12.67 16.51 55.28
N PRO B 216 12.67 17.70 55.90
CA PRO B 216 13.78 18.66 55.90
C PRO B 216 14.90 18.24 56.84
N TYR B 217 16.07 18.87 56.68
CA TYR B 217 17.28 18.53 57.46
C TYR B 217 17.68 19.53 58.59
N SER B 218 16.96 20.63 58.72
CA SER B 218 17.26 21.58 59.79
C SER B 218 17.13 20.87 61.13
N THR B 219 18.11 21.06 62.00
CA THR B 219 18.16 20.39 63.31
C THR B 219 18.64 21.35 64.38
N ASN B 220 18.01 21.29 65.56
CA ASN B 220 18.55 21.92 66.76
C ASN B 220 19.37 20.92 67.54
N ILE B 221 20.54 21.35 68.02
CA ILE B 221 21.40 20.52 68.86
C ILE B 221 21.84 21.25 70.13
N MET B 222 22.10 20.45 71.17
CA MET B 222 22.71 20.94 72.40
C MET B 222 24.02 21.67 72.08
N GLU B 223 24.25 22.80 72.76
CA GLU B 223 25.51 23.54 72.68
C GLU B 223 26.74 22.83 73.27
N ASP B 224 26.54 21.79 74.10
CA ASP B 224 27.67 21.02 74.64
C ASP B 224 27.89 19.69 73.92
N ALA B 225 27.17 19.45 72.83
CA ALA B 225 27.36 18.26 71.98
C ALA B 225 28.84 18.00 71.61
N PRO B 226 29.38 16.83 72.02
CA PRO B 226 30.81 16.56 71.82
C PRO B 226 31.23 16.22 70.39
N PRO B 227 32.56 16.31 70.11
CA PRO B 227 33.17 15.74 68.90
C PRO B 227 32.82 14.26 68.73
N GLY B 228 32.31 13.90 67.55
CA GLY B 228 31.87 12.53 67.26
C GLY B 228 30.35 12.34 67.22
N TYR B 229 29.62 13.23 67.89
CA TYR B 229 28.15 13.23 67.88
C TYR B 229 27.59 13.38 66.46
N GLU B 230 26.67 12.50 66.09
CA GLU B 230 25.99 12.57 64.79
C GLU B 230 24.80 13.53 64.88
N VAL B 231 24.88 14.65 64.17
CA VAL B 231 23.76 15.60 64.03
C VAL B 231 22.61 14.98 63.23
N ARG B 232 22.98 14.27 62.17
CA ARG B 232 22.04 13.66 61.26
C ARG B 232 22.77 12.74 60.31
N LYS B 233 22.07 11.69 59.87
CA LYS B 233 22.53 10.82 58.79
C LYS B 233 21.84 11.22 57.45
N ILE B 234 22.61 11.90 56.60
CA ILE B 234 22.10 12.50 55.36
C ILE B 234 22.07 11.43 54.30
N ARG B 235 20.99 11.40 53.53
CA ARG B 235 20.81 10.30 52.55
C ARG B 235 20.11 10.72 51.24
N ALA B 236 20.67 10.25 50.13
CA ALA B 236 20.14 10.52 48.81
C ALA B 236 20.23 9.25 47.94
N ILE B 237 19.32 9.16 46.99
CA ILE B 237 19.23 8.03 46.08
C ILE B 237 19.24 8.50 44.64
N ASP B 238 19.86 7.70 43.78
CA ASP B 238 19.70 7.77 42.34
C ASP B 238 18.23 7.44 42.07
N GLN B 239 17.49 8.37 41.47
CA GLN B 239 16.10 8.11 41.02
C GLN B 239 15.99 7.14 39.81
N ASP B 240 17.12 6.83 39.18
CA ASP B 240 17.18 5.78 38.15
C ASP B 240 17.26 4.40 38.83
N LEU B 241 16.14 3.69 38.91
CA LEU B 241 16.04 2.51 39.80
C LEU B 241 16.51 1.20 39.18
N GLY B 242 16.67 1.18 37.87
CA GLY B 242 17.12 -0.02 37.17
C GLY B 242 18.57 -0.41 37.39
N ARG B 243 19.47 0.56 37.53
CA ARG B 243 20.86 0.26 37.92
C ARG B 243 21.53 1.44 38.65
N PRO B 244 21.20 1.59 39.95
CA PRO B 244 21.48 2.83 40.66
C PRO B 244 22.94 2.99 40.96
N ARG B 245 23.40 4.22 40.90
CA ARG B 245 24.80 4.55 41.17
C ARG B 245 24.97 5.00 42.62
N GLY B 246 26.19 4.85 43.10
CA GLY B 246 26.52 5.20 44.46
C GLY B 246 26.60 6.69 44.56
N ILE B 247 26.69 7.19 45.78
CA ILE B 247 26.61 8.59 46.00
C ILE B 247 27.74 9.06 46.86
N GLY B 248 28.36 10.16 46.46
CA GLY B 248 29.35 10.89 47.26
C GLY B 248 28.69 12.12 47.90
N TYR B 249 28.87 12.28 49.23
CA TYR B 249 28.33 13.44 49.99
C TYR B 249 29.43 14.47 50.34
N THR B 250 29.15 15.74 50.09
CA THR B 250 30.06 16.85 50.41
C THR B 250 29.31 18.01 51.07
N ILE B 251 29.98 18.69 51.98
CA ILE B 251 29.52 19.97 52.48
C ILE B 251 30.09 21.01 51.56
N ILE B 252 29.27 21.88 50.97
CA ILE B 252 29.81 22.92 50.05
C ILE B 252 29.91 24.37 50.57
N SER B 253 29.19 24.70 51.64
CA SER B 253 29.23 26.05 52.20
C SER B 253 28.67 26.15 53.61
N GLY B 254 29.04 27.25 54.27
CA GLY B 254 28.55 27.61 55.60
C GLY B 254 28.99 26.75 56.77
N ASN B 255 30.00 25.90 56.57
CA ASN B 255 30.56 25.10 57.66
C ASN B 255 31.69 25.88 58.36
N THR B 256 31.27 26.88 59.12
CA THR B 256 32.15 27.89 59.71
C THR B 256 33.09 27.25 60.73
N ASN B 257 34.38 27.62 60.65
CA ASN B 257 35.49 27.00 61.42
C ASN B 257 35.60 25.49 61.29
N SER B 258 35.15 24.93 60.17
CA SER B 258 35.10 23.49 59.99
C SER B 258 34.44 22.81 61.21
N MET B 259 33.35 23.40 61.69
CA MET B 259 32.67 22.89 62.89
C MET B 259 32.13 21.50 62.74
N PHE B 260 31.58 21.18 61.56
CA PHE B 260 31.05 19.84 61.28
C PHE B 260 31.87 19.13 60.21
N ALA B 261 31.70 17.80 60.13
CA ALA B 261 32.32 16.96 59.08
C ALA B 261 31.30 16.00 58.47
N LEU B 262 31.38 15.74 57.18
CA LEU B 262 30.41 14.87 56.50
C LEU B 262 31.11 13.71 55.82
N ASP B 263 30.90 12.48 56.30
CA ASP B 263 31.54 11.29 55.71
C ASP B 263 31.08 11.15 54.26
N TYR B 264 32.05 11.11 53.35
CA TYR B 264 31.81 11.14 51.89
C TYR B 264 30.91 9.98 51.43
N ILE B 265 31.14 8.80 52.00
CA ILE B 265 30.38 7.65 51.58
C ILE B 265 29.11 7.44 52.39
N SER B 266 29.17 7.58 53.71
CA SER B 266 28.09 7.14 54.59
C SER B 266 27.02 8.20 54.85
N GLY B 267 27.34 9.46 54.57
CA GLY B 267 26.40 10.57 54.81
C GLY B 267 26.28 11.02 56.26
N SER B 268 27.12 10.47 57.14
CA SER B 268 27.09 10.81 58.57
C SER B 268 27.62 12.24 58.76
N LEU B 269 26.76 13.15 59.23
CA LEU B 269 27.17 14.54 59.50
C LEU B 269 27.42 14.66 60.98
N THR B 270 28.66 14.95 61.37
CA THR B 270 29.05 14.94 62.79
C THR B 270 29.62 16.27 63.25
N VAL B 271 29.55 16.50 64.54
CA VAL B 271 30.24 17.59 65.16
C VAL B 271 31.70 17.18 65.20
N SER B 272 32.56 18.09 64.78
CA SER B 272 33.98 17.85 64.62
C SER B 272 34.78 18.71 65.60
N GLY B 273 34.44 20.00 65.68
CA GLY B 273 35.07 20.95 66.59
C GLY B 273 34.36 21.09 67.93
N GLN B 274 34.77 22.11 68.70
CA GLN B 274 34.15 22.45 69.98
C GLN B 274 33.12 23.55 69.82
N LEU B 275 31.87 23.23 70.11
CA LEU B 275 30.81 24.21 69.98
C LEU B 275 30.87 25.30 71.06
N ASP B 276 30.80 26.55 70.61
CA ASP B 276 30.83 27.74 71.47
C ASP B 276 29.77 28.76 70.96
N ARG B 277 28.54 28.60 71.46
CA ARG B 277 27.29 29.26 70.94
C ARG B 277 27.35 30.77 70.61
N GLU B 278 28.06 31.56 71.42
CA GLU B 278 28.06 33.03 71.34
C GLU B 278 29.26 33.63 70.58
N ASN B 279 30.16 32.78 70.08
CA ASN B 279 31.26 33.22 69.20
C ASN B 279 30.69 34.03 68.00
N PRO B 280 31.19 35.28 67.75
CA PRO B 280 30.66 36.14 66.67
C PRO B 280 30.74 35.57 65.26
N LEU B 281 31.60 34.59 65.03
CA LEU B 281 31.61 33.87 63.75
C LEU B 281 30.33 33.09 63.47
N TYR B 282 29.68 32.58 64.52
CA TYR B 282 28.50 31.75 64.31
C TYR B 282 27.39 31.88 65.36
N SER B 283 27.27 33.06 65.96
CA SER B 283 26.25 33.30 67.00
C SER B 283 24.78 33.14 66.46
N SER B 284 24.56 33.42 65.16
CA SER B 284 23.22 33.24 64.53
C SER B 284 22.94 31.79 64.06
N GLY B 285 23.97 30.93 64.04
CA GLY B 285 23.83 29.52 63.66
C GLY B 285 24.60 29.15 62.38
N PHE B 286 24.36 27.95 61.89
CA PHE B 286 25.01 27.43 60.70
C PHE B 286 23.98 27.19 59.59
N ILE B 287 24.15 27.88 58.46
CA ILE B 287 23.38 27.65 57.24
C ILE B 287 24.31 26.85 56.33
N ILE B 288 24.15 25.53 56.42
CA ILE B 288 24.96 24.53 55.72
C ILE B 288 24.27 24.13 54.41
N THR B 289 25.01 24.12 53.30
CA THR B 289 24.54 23.45 52.09
C THR B 289 25.36 22.18 51.85
N VAL B 290 24.66 21.11 51.47
CA VAL B 290 25.25 19.80 51.27
C VAL B 290 24.94 19.34 49.84
N LYS B 291 25.86 18.59 49.26
CA LYS B 291 25.70 18.05 47.90
C LYS B 291 25.86 16.53 47.85
N ALA B 292 24.93 15.87 47.17
CA ALA B 292 25.05 14.45 46.83
C ALA B 292 25.31 14.38 45.34
N THR B 293 26.42 13.80 45.00
CA THR B 293 26.85 13.62 43.63
C THR B 293 26.77 12.12 43.28
N GLU B 294 26.13 11.79 42.16
CA GLU B 294 26.17 10.42 41.66
C GLU B 294 27.57 10.07 41.17
N LEU B 295 28.02 8.84 41.40
CA LEU B 295 29.36 8.40 41.01
C LEU B 295 29.36 7.36 39.89
N ASN B 296 30.39 7.39 39.03
CA ASN B 296 30.60 6.37 38.03
C ASN B 296 31.10 5.09 38.70
N ASP B 297 31.11 3.98 37.98
CA ASP B 297 31.52 2.68 38.55
C ASP B 297 32.82 2.82 39.24
N ASP B 298 33.79 3.43 38.54
CA ASP B 298 35.14 3.62 39.07
C ASP B 298 35.30 4.78 40.06
N ARG B 299 34.19 5.35 40.52
CA ARG B 299 34.16 6.27 41.68
C ARG B 299 34.42 7.76 41.38
N THR B 300 34.74 8.07 40.12
CA THR B 300 34.92 9.46 39.73
C THR B 300 33.55 10.11 39.63
N PRO B 301 33.45 11.41 39.91
CA PRO B 301 32.14 12.05 39.85
C PRO B 301 31.51 12.15 38.48
N SER B 302 30.17 12.11 38.49
CA SER B 302 29.34 12.43 37.34
C SER B 302 28.84 13.89 37.45
N SER B 303 27.96 14.28 36.53
CA SER B 303 27.33 15.58 36.53
C SER B 303 26.00 15.57 37.21
N ALA B 304 25.55 14.42 37.69
CA ALA B 304 24.24 14.28 38.31
C ALA B 304 24.29 14.59 39.82
N THR B 305 23.79 15.77 40.18
CA THR B 305 23.91 16.29 41.53
C THR B 305 22.59 16.87 42.05
N VAL B 306 22.57 17.10 43.35
CA VAL B 306 21.46 17.75 44.01
C VAL B 306 21.99 18.39 45.28
N THR B 307 21.45 19.57 45.61
CA THR B 307 21.83 20.26 46.84
C THR B 307 20.61 20.53 47.70
N THR B 308 20.82 20.55 49.01
CA THR B 308 19.83 21.02 49.98
C THR B 308 20.52 21.93 51.01
N THR B 309 19.80 22.94 51.47
CA THR B 309 20.32 23.96 52.42
C THR B 309 19.45 23.89 53.65
N PHE B 310 20.08 23.88 54.81
CA PHE B 310 19.38 23.74 56.08
C PHE B 310 20.15 24.41 57.20
N THR B 311 19.45 24.67 58.30
CA THR B 311 19.99 25.44 59.40
C THR B 311 20.21 24.51 60.60
N ILE B 312 21.39 24.61 61.23
CA ILE B 312 21.60 24.02 62.56
C ILE B 312 21.74 25.12 63.61
N LEU B 313 20.82 25.15 64.57
CA LEU B 313 20.90 26.06 65.73
C LEU B 313 21.43 25.32 66.96
N LEU B 314 22.12 26.08 67.81
CA LEU B 314 22.66 25.56 69.07
C LEU B 314 21.80 26.11 70.20
N ILE B 315 21.44 25.25 71.18
CA ILE B 315 20.53 25.61 72.32
C ILE B 315 21.25 25.81 73.69
N ASP B 316 20.68 26.59 74.63
CA ASP B 316 21.14 26.59 76.08
C ASP B 316 20.99 25.21 76.75
N MET C 1 -30.41 -37.48 -56.17
CA MET C 1 -31.52 -36.81 -55.44
C MET C 1 -31.07 -36.25 -54.09
N ASN C 2 -31.42 -34.98 -53.85
CA ASN C 2 -30.91 -34.22 -52.73
C ASN C 2 -31.54 -34.68 -51.39
N GLN C 3 -30.68 -34.70 -50.38
CA GLN C 3 -30.99 -35.28 -49.07
C GLN C 3 -30.95 -34.17 -47.98
N PRO C 4 -31.88 -34.21 -47.02
CA PRO C 4 -31.96 -33.16 -46.03
C PRO C 4 -30.90 -33.29 -44.93
N PRO C 5 -30.52 -32.15 -44.30
CA PRO C 5 -29.54 -32.20 -43.20
C PRO C 5 -30.09 -32.70 -41.86
N ARG C 6 -29.18 -33.12 -40.98
CA ARG C 6 -29.50 -33.65 -39.62
C ARG C 6 -28.56 -32.99 -38.65
N PHE C 7 -29.04 -32.71 -37.45
CA PHE C 7 -28.14 -32.24 -36.41
C PHE C 7 -27.31 -33.40 -35.87
N GLN C 8 -26.08 -33.09 -35.44
CA GLN C 8 -25.20 -34.05 -34.76
C GLN C 8 -25.22 -33.99 -33.25
N ASN C 9 -25.71 -32.89 -32.69
CA ASN C 9 -25.60 -32.66 -31.27
C ASN C 9 -26.34 -33.69 -30.43
N TYR C 10 -25.64 -34.29 -29.48
CA TYR C 10 -26.26 -35.27 -28.65
C TYR C 10 -27.41 -34.74 -27.80
N PHE C 11 -27.34 -33.47 -27.37
CA PHE C 11 -28.39 -32.94 -26.51
C PHE C 11 -29.81 -33.03 -27.07
N PHE C 12 -29.97 -33.16 -28.40
CA PHE C 12 -31.30 -33.41 -28.99
C PHE C 12 -31.93 -34.72 -28.54
N GLN C 13 -31.17 -35.71 -28.13
CA GLN C 13 -31.74 -36.96 -27.62
C GLN C 13 -31.93 -36.91 -26.10
N SER C 14 -31.61 -35.78 -25.49
CA SER C 14 -31.56 -35.68 -24.05
C SER C 14 -32.05 -34.28 -23.65
N TYR C 15 -31.36 -33.60 -22.75
CA TYR C 15 -31.62 -32.19 -22.51
C TYR C 15 -30.30 -31.42 -22.39
N LEU C 16 -30.39 -30.11 -22.49
CA LEU C 16 -29.26 -29.23 -22.27
C LEU C 16 -29.48 -28.42 -20.98
N LEU C 17 -28.46 -28.41 -20.12
CA LEU C 17 -28.46 -27.72 -18.83
C LEU C 17 -27.77 -26.36 -18.95
N VAL C 18 -28.49 -25.27 -18.67
CA VAL C 18 -27.91 -23.93 -18.62
C VAL C 18 -28.18 -23.32 -17.27
N TYR C 19 -27.13 -22.95 -16.54
CA TYR C 19 -27.29 -22.31 -15.21
C TYR C 19 -27.83 -20.89 -15.33
N GLU C 20 -28.64 -20.48 -14.36
CA GLU C 20 -29.33 -19.18 -14.43
C GLU C 20 -28.38 -18.02 -14.33
N ASP C 21 -27.22 -18.23 -13.73
CA ASP C 21 -26.17 -17.24 -13.63
C ASP C 21 -25.23 -17.12 -14.86
N THR C 22 -25.44 -17.93 -15.89
CA THR C 22 -24.70 -17.82 -17.14
C THR C 22 -24.85 -16.38 -17.66
N PRO C 23 -23.72 -15.63 -17.82
CA PRO C 23 -23.87 -14.22 -18.28
C PRO C 23 -24.26 -14.06 -19.75
N VAL C 24 -24.82 -12.90 -20.07
CA VAL C 24 -25.24 -12.58 -21.43
C VAL C 24 -23.99 -12.59 -22.30
N GLY C 25 -24.12 -13.13 -23.52
CA GLY C 25 -22.96 -13.27 -24.44
C GLY C 25 -22.18 -14.58 -24.38
N THR C 26 -22.36 -15.37 -23.32
CA THR C 26 -21.72 -16.67 -23.24
C THR C 26 -22.18 -17.62 -24.37
N SER C 27 -21.22 -18.31 -25.01
CA SER C 27 -21.54 -19.34 -26.01
C SER C 27 -22.01 -20.58 -25.28
N ILE C 28 -23.25 -20.97 -25.51
CA ILE C 28 -23.89 -22.10 -24.85
CA ILE C 28 -23.84 -22.11 -24.82
C ILE C 28 -23.59 -23.44 -25.55
N THR C 29 -23.59 -23.44 -26.87
CA THR C 29 -23.24 -24.65 -27.62
C THR C 29 -22.83 -24.30 -29.02
N GLN C 30 -22.44 -25.29 -29.79
CA GLN C 30 -22.30 -25.12 -31.21
C GLN C 30 -23.09 -26.19 -31.96
N LEU C 31 -24.05 -25.73 -32.75
CA LEU C 31 -24.82 -26.60 -33.64
C LEU C 31 -23.91 -27.14 -34.71
N GLN C 32 -23.97 -28.46 -34.91
CA GLN C 32 -23.24 -29.10 -35.98
C GLN C 32 -24.21 -30.00 -36.70
N ALA C 33 -23.97 -30.19 -37.99
CA ALA C 33 -24.91 -30.95 -38.77
C ALA C 33 -24.19 -31.73 -39.84
N VAL C 34 -24.93 -32.63 -40.47
CA VAL C 34 -24.44 -33.46 -41.57
C VAL C 34 -25.42 -33.41 -42.69
N ASP C 35 -24.91 -33.21 -43.89
CA ASP C 35 -25.73 -33.28 -45.07
C ASP C 35 -25.05 -34.23 -46.08
N PRO C 36 -25.74 -35.32 -46.47
CA PRO C 36 -25.15 -36.28 -47.43
C PRO C 36 -24.61 -35.67 -48.73
N ASP C 37 -25.15 -34.54 -49.16
CA ASP C 37 -24.66 -33.85 -50.37
C ASP C 37 -23.37 -33.02 -50.15
N GLY C 38 -22.93 -32.82 -48.90
CA GLY C 38 -21.74 -32.01 -48.61
C GLY C 38 -21.88 -30.50 -48.81
N GLU C 39 -23.12 -30.01 -48.94
CA GLU C 39 -23.38 -28.62 -49.31
C GLU C 39 -23.36 -27.69 -48.10
N PRO C 40 -23.08 -26.40 -48.34
CA PRO C 40 -23.11 -25.46 -47.21
C PRO C 40 -24.48 -25.40 -46.54
N LEU C 41 -24.44 -25.14 -45.25
CA LEU C 41 -25.62 -25.10 -44.40
C LEU C 41 -25.77 -23.77 -43.67
N ILE C 42 -27.00 -23.47 -43.24
CA ILE C 42 -27.31 -22.26 -42.44
C ILE C 42 -28.11 -22.67 -41.23
N PHE C 43 -27.66 -22.21 -40.06
CA PHE C 43 -28.25 -22.58 -38.78
C PHE C 43 -29.06 -21.43 -38.24
N GLY C 44 -30.14 -21.72 -37.53
CA GLY C 44 -30.96 -20.67 -36.92
C GLY C 44 -31.85 -21.12 -35.76
N VAL C 45 -32.66 -20.18 -35.24
CA VAL C 45 -33.67 -20.44 -34.21
C VAL C 45 -35.03 -19.96 -34.66
N VAL C 46 -36.09 -20.60 -34.16
CA VAL C 46 -37.44 -20.08 -34.31
C VAL C 46 -38.19 -20.07 -32.98
N GLY C 47 -39.27 -19.29 -32.94
CA GLY C 47 -40.15 -19.23 -31.79
C GLY C 47 -39.94 -17.92 -31.05
N GLU C 48 -41.05 -17.26 -30.67
CA GLU C 48 -41.00 -16.00 -29.91
C GLU C 48 -40.13 -16.15 -28.67
N GLU C 49 -40.49 -17.07 -27.79
CA GLU C 49 -39.75 -17.26 -26.55
C GLU C 49 -38.24 -17.49 -26.81
N ALA C 50 -37.92 -18.41 -27.71
CA ALA C 50 -36.57 -18.84 -27.88
C ALA C 50 -35.69 -17.82 -28.59
N MET C 51 -36.24 -17.07 -29.52
CA MET C 51 -35.48 -16.00 -30.19
C MET C 51 -35.14 -14.83 -29.22
N ARG C 52 -35.96 -14.66 -28.16
CA ARG C 52 -35.70 -13.65 -27.11
CA ARG C 52 -35.69 -13.63 -27.15
C ARG C 52 -34.42 -13.99 -26.35
N TYR C 53 -34.26 -15.28 -26.00
CA TYR C 53 -33.14 -15.69 -25.14
C TYR C 53 -31.90 -16.24 -25.87
N PHE C 54 -32.04 -16.69 -27.12
CA PHE C 54 -30.91 -17.27 -27.86
C PHE C 54 -30.72 -16.70 -29.28
N ALA C 55 -29.46 -16.57 -29.66
CA ALA C 55 -29.03 -16.06 -30.96
C ALA C 55 -28.18 -17.13 -31.62
N VAL C 56 -28.30 -17.28 -32.94
CA VAL C 56 -27.55 -18.29 -33.65
C VAL C 56 -26.79 -17.67 -34.78
N GLN C 57 -25.47 -17.86 -34.74
CA GLN C 57 -24.56 -17.42 -35.81
C GLN C 57 -24.78 -18.39 -36.98
N GLY C 58 -25.38 -17.84 -38.05
CA GLY C 58 -25.91 -18.60 -39.18
C GLY C 58 -24.95 -19.54 -39.86
N THR C 59 -23.67 -19.18 -39.92
CA THR C 59 -22.75 -20.03 -40.65
C THR C 59 -21.94 -20.94 -39.74
N THR C 60 -21.60 -20.46 -38.55
CA THR C 60 -20.89 -21.27 -37.54
C THR C 60 -21.74 -22.22 -36.70
N GLY C 61 -23.00 -21.87 -36.49
CA GLY C 61 -23.88 -22.64 -35.61
C GLY C 61 -23.70 -22.31 -34.13
N VAL C 62 -22.85 -21.34 -33.79
CA VAL C 62 -22.68 -20.94 -32.38
C VAL C 62 -23.95 -20.27 -31.83
N VAL C 63 -24.37 -20.70 -30.64
CA VAL C 63 -25.56 -20.18 -29.97
C VAL C 63 -25.12 -19.36 -28.77
N TRP C 64 -25.44 -18.06 -28.74
CA TRP C 64 -25.13 -17.22 -27.58
CA TRP C 64 -25.11 -17.16 -27.62
C TRP C 64 -26.38 -16.85 -26.81
N LEU C 65 -26.21 -16.55 -25.51
CA LEU C 65 -27.32 -16.11 -24.65
C LEU C 65 -27.56 -14.61 -24.83
N ARG C 66 -28.76 -14.27 -25.32
CA ARG C 66 -29.09 -12.86 -25.65
C ARG C 66 -29.51 -12.01 -24.44
N GLN C 67 -30.12 -12.67 -23.46
CA GLN C 67 -30.74 -12.04 -22.28
C GLN C 67 -30.58 -12.94 -21.06
N PRO C 68 -30.54 -12.36 -19.85
CA PRO C 68 -30.38 -13.22 -18.67
C PRO C 68 -31.57 -14.15 -18.38
N LEU C 69 -31.26 -15.34 -17.92
CA LEU C 69 -32.24 -16.31 -17.45
C LEU C 69 -32.55 -16.10 -15.98
N ASP C 70 -33.69 -16.60 -15.53
CA ASP C 70 -34.02 -16.55 -14.12
C ASP C 70 -34.83 -17.79 -13.81
N ARG C 71 -34.22 -18.72 -13.08
CA ARG C 71 -34.91 -19.92 -12.63
C ARG C 71 -36.24 -19.60 -11.90
N GLU C 72 -36.29 -18.49 -11.17
CA GLU C 72 -37.46 -18.17 -10.36
C GLU C 72 -38.60 -17.62 -11.19
N ALA C 73 -38.33 -17.33 -12.47
CA ALA C 73 -39.37 -17.04 -13.49
C ALA C 73 -39.66 -18.19 -14.47
N LYS C 74 -38.63 -18.98 -14.83
CA LYS C 74 -38.74 -20.10 -15.79
C LYS C 74 -37.91 -21.28 -15.35
N SER C 75 -38.50 -22.46 -15.20
CA SER C 75 -37.72 -23.67 -14.91
C SER C 75 -37.12 -24.34 -16.18
N GLU C 76 -37.78 -24.19 -17.33
CA GLU C 76 -37.36 -24.86 -18.56
C GLU C 76 -37.88 -24.14 -19.79
N MET C 77 -37.34 -24.50 -20.96
CA MET C 77 -37.78 -23.96 -22.27
C MET C 77 -37.66 -25.01 -23.36
N GLN C 78 -38.62 -25.04 -24.28
CA GLN C 78 -38.52 -25.87 -25.47
C GLN C 78 -38.02 -24.99 -26.60
N VAL C 79 -36.80 -25.24 -27.09
CA VAL C 79 -36.16 -24.41 -28.13
C VAL C 79 -36.05 -25.18 -29.44
N GLU C 80 -36.56 -24.60 -30.52
CA GLU C 80 -36.56 -25.25 -31.82
C GLU C 80 -35.43 -24.63 -32.62
N PHE C 81 -34.34 -25.37 -32.83
CA PHE C 81 -33.20 -24.91 -33.66
C PHE C 81 -33.41 -25.36 -35.12
N THR C 82 -32.79 -24.66 -36.06
CA THR C 82 -33.01 -24.97 -37.50
C THR C 82 -31.72 -25.17 -38.26
N VAL C 83 -31.78 -26.04 -39.26
CA VAL C 83 -30.67 -26.20 -40.17
C VAL C 83 -31.21 -26.32 -41.60
N SER C 84 -30.65 -25.53 -42.50
CA SER C 84 -31.13 -25.43 -43.87
C SER C 84 -30.02 -25.68 -44.85
N ASP C 85 -30.35 -26.41 -45.91
CA ASP C 85 -29.48 -26.55 -47.05
C ASP C 85 -30.10 -25.70 -48.16
N SER C 86 -29.86 -26.05 -49.41
CA SER C 86 -30.44 -25.33 -50.53
C SER C 86 -31.90 -25.71 -50.84
N GLN C 87 -32.41 -26.80 -50.23
CA GLN C 87 -33.79 -27.28 -50.48
C GLN C 87 -34.78 -26.86 -49.44
N GLY C 88 -34.33 -26.52 -48.25
CA GLY C 88 -35.27 -26.23 -47.23
C GLY C 88 -34.69 -26.32 -45.84
N VAL C 89 -35.60 -26.18 -44.88
CA VAL C 89 -35.27 -26.13 -43.48
C VAL C 89 -35.58 -27.46 -42.79
N VAL C 90 -34.75 -27.81 -41.80
CA VAL C 90 -34.98 -28.96 -40.91
C VAL C 90 -35.02 -28.41 -39.47
N LYS C 91 -36.11 -28.69 -38.74
CA LYS C 91 -36.25 -28.26 -37.33
C LYS C 91 -36.00 -29.43 -36.42
N ASP C 92 -35.59 -29.13 -35.19
CA ASP C 92 -35.43 -30.13 -34.14
C ASP C 92 -35.48 -29.40 -32.77
N THR C 93 -36.15 -29.97 -31.79
CA THR C 93 -36.35 -29.27 -30.54
C THR C 93 -35.45 -29.85 -29.44
N VAL C 94 -34.91 -28.98 -28.61
CA VAL C 94 -34.22 -29.39 -27.40
C VAL C 94 -34.88 -28.83 -26.13
N ASN C 95 -34.91 -29.66 -25.08
CA ASN C 95 -35.29 -29.24 -23.75
C ASN C 95 -34.11 -28.55 -23.05
N ILE C 96 -34.24 -27.26 -22.80
CA ILE C 96 -33.29 -26.54 -21.97
C ILE C 96 -33.83 -26.38 -20.54
N GLN C 97 -33.24 -27.16 -19.63
CA GLN C 97 -33.46 -27.03 -18.19
C GLN C 97 -32.54 -25.91 -17.68
N ILE C 98 -33.15 -24.96 -16.96
CA ILE C 98 -32.46 -23.86 -16.36
C ILE C 98 -32.00 -24.32 -14.98
N GLY C 99 -30.72 -24.16 -14.67
CA GLY C 99 -30.15 -24.67 -13.42
C GLY C 99 -30.21 -23.64 -12.33
N ASP C 100 -30.53 -24.05 -11.11
CA ASP C 100 -30.68 -23.10 -10.00
C ASP C 100 -29.35 -22.70 -9.33
N VAL C 101 -29.27 -21.44 -8.89
CA VAL C 101 -28.29 -21.03 -7.86
C VAL C 101 -28.98 -20.36 -6.71
N ASN C 102 -28.29 -20.20 -5.60
CA ASN C 102 -28.90 -19.63 -4.43
C ASN C 102 -28.71 -18.14 -4.51
N ASP C 103 -29.64 -17.46 -5.20
CA ASP C 103 -29.55 -16.00 -5.43
C ASP C 103 -30.72 -15.19 -4.85
N ASN C 104 -31.51 -15.79 -3.98
CA ASN C 104 -32.49 -15.07 -3.18
C ASN C 104 -32.33 -15.38 -1.71
N ALA C 105 -32.45 -14.35 -0.87
CA ALA C 105 -32.61 -14.51 0.58
C ALA C 105 -34.06 -14.76 0.91
N PRO C 106 -34.35 -15.30 2.12
CA PRO C 106 -35.74 -15.35 2.57
C PRO C 106 -36.33 -13.96 2.63
N SER C 107 -37.58 -13.85 2.22
CA SER C 107 -38.39 -12.64 2.39
C SER C 107 -39.42 -12.86 3.48
N PHE C 108 -39.42 -11.97 4.46
CA PHE C 108 -40.47 -11.94 5.47
C PHE C 108 -41.70 -11.31 4.88
N TYR C 109 -42.84 -11.87 5.20
CA TYR C 109 -44.14 -11.30 4.82
C TYR C 109 -44.78 -10.66 6.08
N ASN C 110 -45.55 -9.58 5.87
CA ASN C 110 -46.42 -8.96 6.92
C ASN C 110 -45.71 -8.11 8.00
N GLN C 111 -44.50 -7.63 7.72
CA GLN C 111 -43.83 -6.64 8.59
C GLN C 111 -44.55 -5.28 8.54
N PRO C 112 -44.50 -4.49 9.60
CA PRO C 112 -43.77 -4.79 10.86
C PRO C 112 -44.52 -5.73 11.80
N TYR C 113 -43.75 -6.54 12.52
CA TYR C 113 -44.28 -7.50 13.53
C TYR C 113 -44.31 -6.88 14.91
N ALA C 114 -45.49 -6.75 15.47
CA ALA C 114 -45.66 -6.12 16.78
C ALA C 114 -46.88 -6.68 17.41
N ILE C 115 -46.73 -7.26 18.58
CA ILE C 115 -47.83 -7.85 19.30
C ILE C 115 -47.86 -7.31 20.71
N GLN C 116 -48.91 -7.67 21.42
CA GLN C 116 -49.20 -7.18 22.75
C GLN C 116 -49.84 -8.30 23.55
N ILE C 117 -49.17 -8.71 24.65
CA ILE C 117 -49.67 -9.77 25.47
C ILE C 117 -49.65 -9.47 26.97
N PRO C 118 -50.56 -10.09 27.71
CA PRO C 118 -50.57 -9.85 29.15
C PRO C 118 -49.44 -10.58 29.91
N GLU C 119 -48.95 -9.90 30.93
CA GLU C 119 -47.96 -10.41 31.87
C GLU C 119 -48.21 -11.84 32.39
N ASN C 120 -49.47 -12.24 32.48
CA ASN C 120 -49.83 -13.60 32.92
C ASN C 120 -50.12 -14.60 31.78
N THR C 121 -49.57 -14.38 30.59
CA THR C 121 -49.72 -15.32 29.51
C THR C 121 -48.98 -16.58 29.91
N PRO C 122 -49.68 -17.73 29.94
CA PRO C 122 -49.02 -18.94 30.39
C PRO C 122 -47.86 -19.38 29.51
N VAL C 123 -46.89 -20.03 30.14
CA VAL C 123 -45.85 -20.73 29.41
C VAL C 123 -46.53 -21.75 28.47
N GLY C 124 -46.06 -21.84 27.24
CA GLY C 124 -46.62 -22.78 26.27
C GLY C 124 -47.58 -22.17 25.28
N THR C 125 -47.99 -20.91 25.54
CA THR C 125 -48.86 -20.14 24.64
C THR C 125 -48.16 -19.71 23.34
N SER C 126 -48.71 -20.09 22.18
CA SER C 126 -48.28 -19.54 20.89
C SER C 126 -48.71 -18.07 20.78
N VAL C 127 -47.77 -17.15 20.74
CA VAL C 127 -48.13 -15.73 20.68
C VAL C 127 -47.99 -15.10 19.29
N PHE C 128 -47.26 -15.75 18.39
CA PHE C 128 -47.04 -15.21 17.06
C PHE C 128 -46.58 -16.29 16.08
N MET C 129 -46.76 -16.03 14.79
CA MET C 129 -46.23 -16.90 13.79
C MET C 129 -45.63 -16.05 12.71
N VAL C 130 -44.34 -16.24 12.45
CA VAL C 130 -43.70 -15.50 11.38
C VAL C 130 -43.83 -16.30 10.10
N ASN C 131 -43.85 -15.56 8.99
CA ASN C 131 -43.92 -16.21 7.69
C ASN C 131 -42.83 -15.68 6.76
N ALA C 132 -42.06 -16.59 6.19
CA ALA C 132 -41.02 -16.23 5.22
C ALA C 132 -40.80 -17.36 4.21
N THR C 133 -40.52 -16.98 2.97
CA THR C 133 -40.33 -17.97 1.91
C THR C 133 -39.08 -17.63 1.14
N ASP C 134 -38.57 -18.64 0.47
CA ASP C 134 -37.37 -18.55 -0.31
C ASP C 134 -37.69 -19.39 -1.57
N PRO C 135 -37.71 -18.73 -2.73
CA PRO C 135 -38.07 -19.38 -3.99
C PRO C 135 -36.98 -20.27 -4.65
N ASP C 136 -35.74 -20.23 -4.18
CA ASP C 136 -34.68 -21.08 -4.76
C ASP C 136 -34.98 -22.59 -4.53
N GLN C 137 -34.23 -23.45 -5.22
CA GLN C 137 -34.44 -24.90 -5.09
C GLN C 137 -33.59 -25.51 -4.00
N GLY C 138 -34.02 -26.67 -3.54
CA GLY C 138 -33.23 -27.48 -2.65
C GLY C 138 -33.11 -26.87 -1.29
N VAL C 139 -31.98 -27.15 -0.63
CA VAL C 139 -31.66 -26.57 0.66
C VAL C 139 -31.44 -25.06 0.56
N GLY C 140 -31.15 -24.56 -0.64
CA GLY C 140 -31.12 -23.13 -0.89
C GLY C 140 -32.46 -22.40 -0.82
N GLY C 141 -33.57 -23.16 -0.77
CA GLY C 141 -34.90 -22.58 -0.58
C GLY C 141 -35.66 -23.04 0.65
N SER C 142 -34.97 -23.78 1.50
CA SER C 142 -35.52 -24.31 2.71
C SER C 142 -35.20 -23.38 3.90
N VAL C 143 -36.22 -22.75 4.47
CA VAL C 143 -36.05 -21.67 5.46
C VAL C 143 -36.01 -22.18 6.92
N LEU C 144 -34.95 -21.85 7.66
CA LEU C 144 -34.87 -22.09 9.15
C LEU C 144 -35.02 -20.80 9.91
N PHE C 145 -35.95 -20.75 10.88
CA PHE C 145 -36.11 -19.60 11.77
C PHE C 145 -35.32 -19.75 13.08
N SER C 146 -34.85 -18.62 13.61
CA SER C 146 -34.16 -18.56 14.93
C SER C 146 -34.20 -17.17 15.52
N PHE C 147 -34.12 -17.08 16.85
CA PHE C 147 -33.90 -15.79 17.50
C PHE C 147 -32.40 -15.54 17.61
N GLN C 148 -31.94 -14.39 17.11
CA GLN C 148 -30.53 -14.00 17.10
CA GLN C 148 -30.52 -14.03 17.19
C GLN C 148 -30.41 -12.61 17.75
N PRO C 149 -30.02 -12.48 19.02
CA PRO C 149 -29.62 -13.58 19.94
C PRO C 149 -30.82 -14.40 20.47
N PRO C 150 -30.56 -15.59 21.04
CA PRO C 150 -31.66 -16.37 21.65
C PRO C 150 -32.23 -15.65 22.86
N SER C 151 -33.48 -15.95 23.19
CA SER C 151 -34.19 -15.35 24.33
C SER C 151 -34.55 -16.39 25.38
N GLN C 152 -34.51 -15.97 26.65
CA GLN C 152 -34.83 -16.88 27.75
C GLN C 152 -36.33 -16.99 27.99
N PHE C 153 -37.12 -16.12 27.34
CA PHE C 153 -38.55 -16.03 27.59
C PHE C 153 -39.38 -16.41 26.39
N PHE C 154 -38.81 -16.47 25.20
CA PHE C 154 -39.52 -16.95 24.00
C PHE C 154 -38.68 -17.89 23.13
N SER C 155 -39.31 -18.86 22.52
CA SER C 155 -38.65 -19.69 21.53
C SER C 155 -39.42 -19.61 20.21
N ILE C 156 -38.69 -19.85 19.12
CA ILE C 156 -39.28 -19.88 17.79
C ILE C 156 -38.97 -21.22 17.13
N ASP C 157 -39.99 -21.80 16.52
CA ASP C 157 -39.86 -23.06 15.85
C ASP C 157 -39.12 -22.85 14.51
N GLY C 158 -38.01 -23.57 14.36
CA GLY C 158 -37.18 -23.45 13.18
C GLY C 158 -37.89 -23.69 11.86
N ALA C 159 -38.86 -24.62 11.81
CA ALA C 159 -39.56 -24.95 10.57
C ALA C 159 -40.80 -24.08 10.32
N ARG C 160 -41.63 -23.95 11.35
CA ARG C 160 -42.97 -23.40 11.23
C ARG C 160 -43.12 -21.93 11.59
N GLY C 161 -42.18 -21.41 12.36
CA GLY C 161 -42.15 -20.00 12.68
C GLY C 161 -42.98 -19.62 13.89
N ILE C 162 -43.44 -20.59 14.67
CA ILE C 162 -44.31 -20.29 15.79
C ILE C 162 -43.51 -19.84 17.00
N VAL C 163 -43.88 -18.66 17.52
CA VAL C 163 -43.25 -18.08 18.69
C VAL C 163 -44.04 -18.45 19.91
N THR C 164 -43.37 -19.05 20.88
CA THR C 164 -44.02 -19.56 22.09
C THR C 164 -43.40 -18.93 23.32
N VAL C 165 -44.19 -18.74 24.38
CA VAL C 165 -43.65 -18.27 25.66
C VAL C 165 -42.98 -19.43 26.36
N THR C 166 -41.72 -19.29 26.74
CA THR C 166 -40.97 -20.38 27.39
C THR C 166 -40.71 -20.26 28.90
N ARG C 167 -41.00 -19.08 29.41
CA ARG C 167 -40.79 -18.78 30.80
C ARG C 167 -41.74 -17.64 31.23
N ALA C 168 -42.09 -17.62 32.49
CA ALA C 168 -43.14 -16.73 32.98
C ALA C 168 -42.73 -15.29 32.84
N LEU C 169 -43.66 -14.48 32.34
CA LEU C 169 -43.37 -13.07 32.09
C LEU C 169 -43.69 -12.30 33.35
N ASP C 170 -43.19 -11.08 33.44
CA ASP C 170 -43.44 -10.21 34.57
C ASP C 170 -43.32 -8.75 34.17
N TYR C 171 -44.45 -8.07 34.20
CA TYR C 171 -44.54 -6.62 33.93
C TYR C 171 -43.61 -5.80 34.86
N GLU C 172 -43.46 -6.24 36.11
CA GLU C 172 -42.65 -5.53 37.10
C GLU C 172 -41.14 -5.70 36.89
N THR C 173 -40.75 -6.59 35.97
CA THR C 173 -39.37 -6.79 35.61
C THR C 173 -39.10 -6.25 34.20
N THR C 174 -40.00 -6.55 33.24
CA THR C 174 -39.76 -6.22 31.82
C THR C 174 -41.06 -5.89 31.10
N ILE C 175 -41.18 -4.65 30.59
CA ILE C 175 -42.43 -4.19 29.94
C ILE C 175 -42.48 -4.43 28.43
N ALA C 176 -41.33 -4.64 27.81
CA ALA C 176 -41.31 -4.90 26.37
C ALA C 176 -40.09 -5.75 26.00
N TYR C 177 -40.21 -6.54 24.94
CA TYR C 177 -39.07 -7.22 24.33
C TYR C 177 -38.94 -6.80 22.85
N GLN C 178 -37.72 -6.49 22.42
CA GLN C 178 -37.40 -6.39 20.99
C GLN C 178 -36.62 -7.63 20.64
N LEU C 179 -37.28 -8.60 20.02
CA LEU C 179 -36.60 -9.80 19.56
C LEU C 179 -36.26 -9.68 18.11
N THR C 180 -35.12 -10.23 17.72
CA THR C 180 -34.70 -10.26 16.31
C THR C 180 -34.84 -11.68 15.71
N VAL C 181 -35.70 -11.83 14.72
CA VAL C 181 -35.88 -13.11 14.03
C VAL C 181 -34.90 -13.23 12.88
N ASN C 182 -34.25 -14.38 12.78
CA ASN C 182 -33.38 -14.65 11.65
C ASN C 182 -34.05 -15.71 10.80
N ALA C 183 -34.15 -15.46 9.51
CA ALA C 183 -34.59 -16.44 8.55
C ALA C 183 -33.45 -16.66 7.59
N THR C 184 -32.91 -17.89 7.58
CA THR C 184 -31.81 -18.25 6.71
C THR C 184 -32.19 -19.44 5.84
N ASP C 185 -31.58 -19.52 4.65
CA ASP C 185 -31.66 -20.74 3.88
C ASP C 185 -30.52 -21.64 4.31
N GLN C 186 -30.55 -22.88 3.84
CA GLN C 186 -29.62 -23.91 4.29
C GLN C 186 -28.61 -24.33 3.23
N ASP C 187 -28.29 -23.45 2.29
CA ASP C 187 -27.17 -23.68 1.34
C ASP C 187 -25.86 -23.81 2.14
N LYS C 188 -25.04 -24.81 1.83
CA LYS C 188 -23.78 -25.03 2.54
C LYS C 188 -22.66 -24.11 2.02
N ARG C 189 -22.83 -23.58 0.80
CA ARG C 189 -21.85 -22.72 0.15
C ARG C 189 -21.92 -21.25 0.58
N ARG C 190 -23.05 -20.59 0.31
CA ARG C 190 -23.28 -19.17 0.66
C ARG C 190 -24.72 -19.04 1.13
N PRO C 191 -24.98 -19.48 2.37
CA PRO C 191 -26.33 -19.34 2.89
C PRO C 191 -26.70 -17.88 3.05
N LEU C 192 -27.84 -17.49 2.50
CA LEU C 192 -28.31 -16.14 2.59
C LEU C 192 -29.35 -16.05 3.68
N SER C 193 -29.35 -14.96 4.44
CA SER C 193 -30.33 -14.73 5.49
C SER C 193 -30.91 -13.30 5.48
N SER C 194 -32.03 -13.15 6.20
CA SER C 194 -32.75 -11.87 6.44
C SER C 194 -33.14 -11.74 7.91
N LEU C 195 -33.25 -10.51 8.39
CA LEU C 195 -33.63 -10.26 9.78
C LEU C 195 -34.92 -9.52 9.84
N ALA C 196 -35.68 -9.76 10.89
CA ALA C 196 -36.93 -9.06 11.14
C ALA C 196 -37.10 -8.82 12.65
N ASN C 197 -37.43 -7.60 13.04
CA ASN C 197 -37.69 -7.29 14.43
C ASN C 197 -39.08 -7.80 14.80
N LEU C 198 -39.23 -8.30 16.01
CA LEU C 198 -40.53 -8.64 16.57
C LEU C 198 -40.69 -7.89 17.88
N ALA C 199 -41.68 -7.02 17.96
CA ALA C 199 -41.87 -6.17 19.14
C ALA C 199 -42.96 -6.77 20.03
N ILE C 200 -42.59 -7.21 21.23
CA ILE C 200 -43.59 -7.81 22.13
C ILE C 200 -43.85 -6.86 23.29
N THR C 201 -44.98 -6.16 23.23
CA THR C 201 -45.40 -5.28 24.34
C THR C 201 -46.08 -6.12 25.44
N ILE C 202 -45.70 -5.93 26.70
CA ILE C 202 -46.33 -6.62 27.82
C ILE C 202 -47.36 -5.72 28.54
N THR C 203 -48.46 -6.33 28.94
CA THR C 203 -49.58 -5.68 29.59
C THR C 203 -49.59 -6.00 31.10
N ASP C 204 -49.84 -4.98 31.91
CA ASP C 204 -49.85 -5.13 33.40
C ASP C 204 -51.10 -5.87 33.89
N ILE C 205 -50.89 -6.80 34.81
CA ILE C 205 -51.96 -7.55 35.51
C ILE C 205 -51.84 -7.19 36.99
N GLN C 206 -52.98 -7.10 37.67
CA GLN C 206 -53.02 -6.79 39.09
C GLN C 206 -52.44 -7.97 39.90
N ASP C 207 -51.20 -7.84 40.35
CA ASP C 207 -50.56 -8.85 41.17
C ASP C 207 -49.50 -8.30 42.17
N MET C 208 -49.59 -7.01 42.53
CA MET C 208 -48.68 -6.35 43.49
C MET C 208 -49.47 -5.60 44.55
N ASP C 209 -49.07 -5.69 45.80
CA ASP C 209 -49.75 -4.98 46.89
C ASP C 209 -49.35 -3.50 46.84
N PRO C 210 -50.18 -2.62 47.46
CA PRO C 210 -49.76 -1.24 47.59
C PRO C 210 -48.64 -1.07 48.61
N ILE C 211 -47.95 0.07 48.59
CA ILE C 211 -46.84 0.33 49.50
C ILE C 211 -46.90 1.81 49.92
N PHE C 212 -46.57 2.08 51.17
CA PHE C 212 -46.60 3.47 51.65
C PHE C 212 -45.36 4.22 51.14
N THR C 213 -45.49 5.52 51.04
CA THR C 213 -44.46 6.39 50.52
C THR C 213 -44.21 7.48 51.55
N ASN C 214 -43.01 8.07 51.49
CA ASN C 214 -42.64 9.25 52.31
C ASN C 214 -42.51 8.93 53.80
N LEU C 215 -42.07 7.71 54.11
CA LEU C 215 -41.82 7.29 55.48
C LEU C 215 -40.55 8.03 55.99
N PRO C 216 -40.34 8.16 57.31
CA PRO C 216 -41.25 7.68 58.37
C PRO C 216 -42.37 8.66 58.62
N TYR C 217 -43.42 8.21 59.31
CA TYR C 217 -44.63 9.04 59.55
C TYR C 217 -44.78 9.70 60.93
N SER C 218 -43.93 9.37 61.90
CA SER C 218 -44.06 9.94 63.25
C SER C 218 -44.00 11.45 63.22
N THR C 219 -44.87 12.10 63.98
CA THR C 219 -45.02 13.56 63.91
C THR C 219 -45.26 14.17 65.27
N ASN C 220 -44.74 15.38 65.48
CA ASN C 220 -45.05 16.17 66.66
C ASN C 220 -46.06 17.22 66.24
N ILE C 221 -47.04 17.48 67.10
CA ILE C 221 -47.99 18.58 66.88
C ILE C 221 -48.20 19.41 68.14
N MET C 222 -48.89 20.53 67.98
CA MET C 222 -49.10 21.50 69.10
C MET C 222 -50.08 20.95 70.15
N GLU C 223 -49.80 21.21 71.43
CA GLU C 223 -50.78 20.92 72.52
C GLU C 223 -52.20 21.47 72.19
N ASP C 224 -52.27 22.62 71.50
CA ASP C 224 -53.52 23.36 71.24
C ASP C 224 -54.04 23.34 69.77
N ALA C 225 -53.53 22.43 68.94
CA ALA C 225 -53.95 22.32 67.54
C ALA C 225 -55.47 22.14 67.41
N PRO C 226 -56.13 23.10 66.75
CA PRO C 226 -57.60 23.13 66.68
C PRO C 226 -58.21 22.13 65.67
N PRO C 227 -59.52 21.84 65.79
CA PRO C 227 -60.13 20.97 64.80
C PRO C 227 -60.03 21.53 63.38
N GLY C 228 -59.78 20.63 62.43
CA GLY C 228 -59.41 21.01 61.07
C GLY C 228 -57.91 20.96 60.75
N TYR C 229 -57.06 21.10 61.76
CA TYR C 229 -55.62 21.25 61.54
C TYR C 229 -54.99 19.97 60.94
N GLU C 230 -54.16 20.12 59.91
CA GLU C 230 -53.49 18.97 59.29
C GLU C 230 -52.25 18.55 60.07
N VAL C 231 -52.23 17.29 60.50
CA VAL C 231 -51.14 16.68 61.24
C VAL C 231 -50.04 16.28 60.25
N ARG C 232 -50.43 15.50 59.24
CA ARG C 232 -49.58 15.21 58.08
C ARG C 232 -50.40 14.56 56.96
N LYS C 233 -49.80 14.38 55.79
CA LYS C 233 -50.39 13.58 54.72
C LYS C 233 -49.81 12.16 54.72
N ILE C 234 -50.66 11.15 54.54
CA ILE C 234 -50.25 9.76 54.34
CA ILE C 234 -50.17 9.81 54.30
C ILE C 234 -50.45 9.45 52.87
N ARG C 235 -49.52 8.72 52.28
CA ARG C 235 -49.56 8.39 50.88
C ARG C 235 -49.15 6.93 50.62
N ALA C 236 -49.91 6.23 49.78
CA ALA C 236 -49.57 4.88 49.32
C ALA C 236 -49.80 4.80 47.82
N ILE C 237 -49.14 3.87 47.15
CA ILE C 237 -49.38 3.65 45.72
C ILE C 237 -49.55 2.19 45.38
N ASP C 238 -50.38 1.91 44.38
CA ASP C 238 -50.42 0.61 43.74
C ASP C 238 -49.06 0.37 43.07
N GLN C 239 -48.39 -0.72 43.43
CA GLN C 239 -47.10 -1.08 42.81
C GLN C 239 -47.22 -1.70 41.41
N ASP C 240 -48.45 -2.05 41.00
CA ASP C 240 -48.81 -2.30 39.60
C ASP C 240 -48.90 -0.97 38.84
N LEU C 241 -47.84 -0.63 38.12
CA LEU C 241 -47.68 0.74 37.60
C LEU C 241 -48.34 1.01 36.25
N GLY C 242 -48.86 -0.02 35.60
CA GLY C 242 -49.39 0.10 34.22
C GLY C 242 -50.87 0.38 34.20
N ARG C 243 -51.62 -0.31 35.07
CA ARG C 243 -53.07 -0.14 35.24
C ARG C 243 -53.26 0.13 36.73
N PRO C 244 -52.75 1.28 37.25
CA PRO C 244 -52.78 1.48 38.70
C PRO C 244 -54.19 1.72 39.20
N ARG C 245 -54.52 1.15 40.36
CA ARG C 245 -55.78 1.41 41.07
C ARG C 245 -55.59 2.53 42.12
N GLY C 246 -56.68 3.19 42.48
CA GLY C 246 -56.66 4.24 43.49
C GLY C 246 -56.72 3.70 44.90
N ILE C 247 -56.30 4.53 45.85
CA ILE C 247 -56.11 4.12 47.23
C ILE C 247 -57.22 4.71 48.14
N GLY C 248 -57.71 3.90 49.08
CA GLY C 248 -58.56 4.34 50.18
C GLY C 248 -57.82 4.23 51.53
N TYR C 249 -57.73 5.36 52.25
CA TYR C 249 -57.00 5.41 53.54
C TYR C 249 -57.95 5.39 54.76
N THR C 250 -57.76 4.44 55.68
CA THR C 250 -58.52 4.38 56.93
C THR C 250 -57.65 4.38 58.19
N ILE C 251 -58.28 4.68 59.32
CA ILE C 251 -57.67 4.52 60.63
C ILE C 251 -58.24 3.26 61.22
N ILE C 252 -57.32 2.36 61.59
CA ILE C 252 -57.60 1.06 62.09
C ILE C 252 -57.59 1.04 63.62
N SER C 253 -56.76 1.87 64.26
CA SER C 253 -56.42 1.66 65.67
C SER C 253 -55.76 2.86 66.39
N GLY C 254 -56.03 2.99 67.68
CA GLY C 254 -55.35 3.98 68.54
C GLY C 254 -55.88 5.41 68.49
N ASN C 255 -57.05 5.60 67.86
CA ASN C 255 -57.63 6.93 67.67
C ASN C 255 -58.57 7.22 68.85
N THR C 256 -58.01 7.52 70.01
CA THR C 256 -58.80 7.65 71.22
C THR C 256 -59.78 8.81 71.14
N ASN C 257 -61.01 8.58 71.60
CA ASN C 257 -62.06 9.59 71.61
C ASN C 257 -62.13 10.41 70.32
N SER C 258 -62.01 9.70 69.19
CA SER C 258 -62.15 10.27 67.84
C SER C 258 -61.33 11.54 67.60
N MET C 259 -60.12 11.57 68.15
CA MET C 259 -59.29 12.77 68.11
C MET C 259 -58.81 13.12 66.72
N PHE C 260 -58.58 12.11 65.89
CA PHE C 260 -58.10 12.32 64.52
C PHE C 260 -59.05 11.82 63.44
N ALA C 261 -58.85 12.37 62.26
CA ALA C 261 -59.61 12.04 61.08
C ALA C 261 -58.61 11.91 59.96
N LEU C 262 -58.91 11.00 59.04
CA LEU C 262 -58.10 10.74 57.87
C LEU C 262 -59.00 10.76 56.65
N ASP C 263 -58.78 11.70 55.73
CA ASP C 263 -59.55 11.76 54.48
C ASP C 263 -59.31 10.53 53.61
N TYR C 264 -60.39 9.89 53.16
CA TYR C 264 -60.33 8.56 52.51
C TYR C 264 -59.57 8.60 51.17
N ILE C 265 -59.73 9.67 50.39
CA ILE C 265 -59.06 9.82 49.11
C ILE C 265 -57.73 10.60 49.21
N SER C 266 -57.73 11.71 49.96
CA SER C 266 -56.57 12.62 49.96
C SER C 266 -55.44 12.16 50.88
N GLY C 267 -55.77 11.31 51.85
CA GLY C 267 -54.81 10.90 52.87
C GLY C 267 -54.40 11.99 53.88
N SER C 268 -55.13 13.09 53.92
CA SER C 268 -54.85 14.16 54.86
C SER C 268 -55.31 13.71 56.23
N LEU C 269 -54.41 13.77 57.21
CA LEU C 269 -54.73 13.37 58.59
C LEU C 269 -54.89 14.64 59.40
N THR C 270 -56.05 14.83 60.01
CA THR C 270 -56.34 16.07 60.68
C THR C 270 -56.74 15.88 62.12
N VAL C 271 -56.68 16.95 62.89
CA VAL C 271 -57.28 16.95 64.21
C VAL C 271 -58.80 17.10 64.08
N SER C 272 -59.48 16.27 64.84
CA SER C 272 -60.89 16.12 64.80
C SER C 272 -61.54 16.62 66.12
N GLY C 273 -61.01 16.19 67.27
CA GLY C 273 -61.55 16.55 68.60
C GLY C 273 -60.80 17.64 69.31
N GLN C 274 -61.02 17.77 70.61
CA GLN C 274 -60.46 18.89 71.38
C GLN C 274 -59.22 18.39 72.09
N LEU C 275 -58.05 18.72 71.53
CA LEU C 275 -56.77 18.31 72.12
C LEU C 275 -56.52 19.00 73.44
N ASP C 276 -56.62 18.25 74.53
CA ASP C 276 -56.37 18.76 75.87
C ASP C 276 -55.09 18.09 76.41
N ARG C 277 -53.95 18.79 76.31
CA ARG C 277 -52.66 18.29 76.88
C ARG C 277 -52.67 18.10 78.43
N GLU C 278 -53.60 18.74 79.15
CA GLU C 278 -53.76 18.45 80.57
C GLU C 278 -54.48 17.09 80.87
N ASN C 279 -55.24 16.54 79.91
CA ASN C 279 -55.84 15.19 80.06
C ASN C 279 -54.75 14.10 79.87
N PRO C 280 -54.68 13.13 80.81
CA PRO C 280 -53.65 12.08 80.67
C PRO C 280 -53.81 11.16 79.44
N LEU C 281 -55.04 10.94 78.98
CA LEU C 281 -55.24 10.15 77.75
C LEU C 281 -54.40 10.66 76.57
N TYR C 282 -54.17 11.97 76.52
CA TYR C 282 -53.55 12.65 75.39
C TYR C 282 -52.13 13.20 75.60
N SER C 283 -51.67 13.44 76.83
CA SER C 283 -50.31 14.02 77.01
C SER C 283 -49.20 13.12 76.45
N SER C 284 -49.34 11.81 76.61
CA SER C 284 -48.36 10.83 76.06
C SER C 284 -48.42 10.66 74.54
N GLY C 285 -49.46 11.22 73.93
CA GLY C 285 -49.65 11.12 72.52
C GLY C 285 -50.46 9.91 72.13
N PHE C 286 -50.32 9.54 70.87
CA PHE C 286 -51.10 8.50 70.26
C PHE C 286 -50.21 7.57 69.48
N ILE C 287 -50.63 6.31 69.40
CA ILE C 287 -50.00 5.29 68.56
C ILE C 287 -51.09 4.85 67.56
N ILE C 288 -50.90 5.26 66.31
CA ILE C 288 -51.93 5.11 65.29
C ILE C 288 -51.52 4.08 64.28
N THR C 289 -52.44 3.19 63.95
CA THR C 289 -52.24 2.31 62.84
C THR C 289 -53.23 2.73 61.72
N VAL C 290 -52.71 2.86 60.50
CA VAL C 290 -53.49 3.23 59.32
C VAL C 290 -53.35 2.15 58.26
N LYS C 291 -54.22 2.21 57.28
CA LYS C 291 -54.29 1.22 56.26
C LYS C 291 -54.61 1.92 54.96
N ALA C 292 -53.87 1.55 53.92
CA ALA C 292 -54.19 1.92 52.55
C ALA C 292 -54.75 0.68 51.86
N THR C 293 -55.87 0.86 51.17
CA THR C 293 -56.51 -0.23 50.46
C THR C 293 -56.67 0.13 49.00
N GLU C 294 -56.18 -0.71 48.09
CA GLU C 294 -56.47 -0.51 46.66
C GLU C 294 -57.98 -0.63 46.44
N LEU C 295 -58.52 0.25 45.60
CA LEU C 295 -59.95 0.30 45.29
C LEU C 295 -60.28 -0.29 43.89
N ASN C 296 -61.42 -0.94 43.77
CA ASN C 296 -61.98 -1.31 42.46
C ASN C 296 -62.38 -0.04 41.65
N ASP C 297 -62.76 -0.21 40.39
CA ASP C 297 -63.29 0.89 39.58
C ASP C 297 -64.55 1.58 40.18
N ASP C 298 -65.45 0.81 40.82
CA ASP C 298 -66.59 1.43 41.58
C ASP C 298 -66.19 2.15 42.91
N ARG C 299 -64.92 2.09 43.30
CA ARG C 299 -64.41 2.75 44.53
C ARG C 299 -64.72 1.96 45.85
N THR C 300 -65.25 0.72 45.71
CA THR C 300 -65.31 -0.23 46.83
C THR C 300 -63.94 -0.89 47.05
N PRO C 301 -63.68 -1.35 48.28
CA PRO C 301 -62.38 -1.92 48.60
C PRO C 301 -62.15 -3.29 48.01
N SER C 302 -60.89 -3.52 47.63
CA SER C 302 -60.35 -4.82 47.28
C SER C 302 -59.61 -5.44 48.46
N SER C 303 -59.07 -6.63 48.24
CA SER C 303 -58.22 -7.31 49.21
C SER C 303 -56.73 -6.89 49.19
N ALA C 304 -56.33 -5.96 48.32
CA ALA C 304 -54.92 -5.49 48.26
C ALA C 304 -54.74 -4.32 49.23
N THR C 305 -54.01 -4.57 50.32
CA THR C 305 -53.94 -3.63 51.44
C THR C 305 -52.56 -3.58 52.01
N VAL C 306 -52.21 -2.44 52.58
CA VAL C 306 -51.01 -2.34 53.38
C VAL C 306 -51.33 -1.54 54.63
N THR C 307 -50.67 -1.85 55.75
CA THR C 307 -50.81 -1.06 56.97
C THR C 307 -49.48 -0.59 57.51
N THR C 308 -49.53 0.44 58.34
CA THR C 308 -48.36 0.94 59.04
C THR C 308 -48.76 1.69 60.32
N THR C 309 -47.79 1.86 61.22
CA THR C 309 -48.02 2.33 62.57
C THR C 309 -46.99 3.38 62.97
N PHE C 310 -47.47 4.48 63.55
CA PHE C 310 -46.60 5.61 63.85
C PHE C 310 -47.13 6.32 65.06
N THR C 311 -46.29 7.21 65.56
CA THR C 311 -46.50 7.96 66.78
C THR C 311 -47.00 9.37 66.45
N ILE C 312 -47.89 9.92 67.28
CA ILE C 312 -48.17 11.36 67.25
C ILE C 312 -47.94 11.92 68.67
N LEU C 313 -46.94 12.78 68.82
CA LEU C 313 -46.62 13.39 70.13
C LEU C 313 -47.03 14.85 70.22
N LEU C 314 -47.12 15.34 71.45
CA LEU C 314 -47.49 16.74 71.73
C LEU C 314 -46.30 17.62 72.17
N ILE C 315 -46.48 18.95 72.05
CA ILE C 315 -45.52 19.96 72.56
C ILE C 315 -46.24 21.15 73.23
N MET D 1 28.71 43.76 52.83
CA MET D 1 28.20 42.43 53.33
C MET D 1 27.56 41.62 52.20
N ASN D 2 26.43 42.09 51.65
CA ASN D 2 25.74 41.38 50.55
C ASN D 2 26.61 41.43 49.30
N GLN D 3 26.86 40.27 48.71
CA GLN D 3 27.78 40.14 47.56
C GLN D 3 27.00 39.81 46.27
N PRO D 4 27.52 40.25 45.14
CA PRO D 4 26.80 40.09 43.87
C PRO D 4 26.93 38.71 43.24
N PRO D 5 26.00 38.35 42.34
CA PRO D 5 26.10 37.05 41.69
C PRO D 5 27.18 36.96 40.60
N ARG D 6 27.53 35.73 40.26
CA ARG D 6 28.50 35.38 39.21
C ARG D 6 27.85 34.34 38.30
N PHE D 7 28.11 34.41 37.00
CA PHE D 7 27.72 33.30 36.13
C PHE D 7 28.65 32.12 36.33
N GLN D 8 28.13 30.91 36.10
CA GLN D 8 28.91 29.65 36.13
C GLN D 8 29.29 29.10 34.77
N ASN D 9 28.61 29.55 33.72
CA ASN D 9 28.73 28.89 32.44
C ASN D 9 30.11 29.06 31.88
N TYR D 10 30.75 27.95 31.54
CA TYR D 10 32.05 28.02 30.98
C TYR D 10 32.14 28.88 29.71
N PHE D 11 31.11 28.88 28.88
CA PHE D 11 31.21 29.59 27.61
C PHE D 11 31.63 31.09 27.72
N PHE D 12 31.32 31.75 28.84
CA PHE D 12 31.83 33.13 29.10
C PHE D 12 33.35 33.28 29.03
N GLN D 13 34.12 32.24 29.27
CA GLN D 13 35.57 32.31 29.10
C GLN D 13 36.01 31.93 27.71
N SER D 14 35.05 31.68 26.82
CA SER D 14 35.36 31.11 25.54
C SER D 14 34.37 31.62 24.48
N TYR D 15 33.67 30.72 23.78
CA TYR D 15 32.59 31.10 22.90
C TYR D 15 31.51 30.02 22.84
N LEU D 16 30.33 30.39 22.38
CA LEU D 16 29.23 29.46 22.18
C LEU D 16 28.92 29.34 20.69
N LEU D 17 28.93 28.10 20.19
CA LEU D 17 28.67 27.78 18.79
C LEU D 17 27.18 27.45 18.58
N VAL D 18 26.49 28.23 17.75
CA VAL D 18 25.09 27.95 17.42
C VAL D 18 24.99 27.78 15.93
N TYR D 19 24.58 26.60 15.49
CA TYR D 19 24.49 26.33 14.05
C TYR D 19 23.31 27.11 13.45
N GLU D 20 23.48 27.57 12.21
CA GLU D 20 22.48 28.44 11.56
C GLU D 20 21.16 27.74 11.29
N ASP D 21 21.17 26.43 11.20
CA ASP D 21 19.93 25.67 10.99
C ASP D 21 19.16 25.36 12.27
N THR D 22 19.64 25.77 13.43
CA THR D 22 18.92 25.62 14.69
C THR D 22 17.48 26.15 14.57
N PRO D 23 16.46 25.29 14.73
CA PRO D 23 15.05 25.81 14.65
C PRO D 23 14.71 26.83 15.73
N VAL D 24 13.72 27.68 15.49
CA VAL D 24 13.28 28.61 16.55
C VAL D 24 12.56 27.77 17.59
N GLY D 25 12.65 28.20 18.85
CA GLY D 25 12.19 27.40 19.98
C GLY D 25 13.27 26.55 20.65
N THR D 26 14.29 26.14 19.91
CA THR D 26 15.37 25.37 20.50
C THR D 26 16.03 26.09 21.71
N SER D 27 16.07 25.40 22.85
CA SER D 27 16.84 25.83 24.02
C SER D 27 18.31 25.67 23.66
N ILE D 28 19.04 26.79 23.62
CA ILE D 28 20.46 26.73 23.28
C ILE D 28 21.40 26.65 24.51
N THR D 29 21.01 27.21 25.65
CA THR D 29 21.77 26.93 26.89
C THR D 29 20.90 27.12 28.12
N GLN D 30 21.48 26.89 29.28
CA GLN D 30 20.87 27.33 30.53
C GLN D 30 21.90 28.09 31.35
N LEU D 31 21.62 29.37 31.56
CA LEU D 31 22.40 30.22 32.45
C LEU D 31 22.26 29.67 33.84
N GLN D 32 23.37 29.55 34.55
CA GLN D 32 23.37 29.24 35.96
C GLN D 32 24.30 30.23 36.65
N ALA D 33 24.01 30.51 37.91
CA ALA D 33 24.77 31.47 38.66
C ALA D 33 24.98 31.03 40.09
N VAL D 34 25.87 31.74 40.78
CA VAL D 34 26.16 31.54 42.19
C VAL D 34 25.98 32.85 42.89
N ASP D 35 25.28 32.86 44.02
CA ASP D 35 25.27 34.03 44.87
C ASP D 35 25.63 33.57 46.28
N PRO D 36 26.68 34.15 46.87
CA PRO D 36 27.09 33.79 48.23
C PRO D 36 25.99 33.91 49.28
N ASP D 37 25.10 34.88 49.11
CA ASP D 37 23.98 35.08 50.04
C ASP D 37 22.87 34.03 49.94
N GLY D 38 22.93 33.15 48.95
CA GLY D 38 21.95 32.05 48.80
C GLY D 38 20.58 32.55 48.36
N GLU D 39 20.51 33.72 47.75
CA GLU D 39 19.25 34.40 47.51
C GLU D 39 18.75 34.12 46.09
N PRO D 40 17.41 34.21 45.89
CA PRO D 40 16.92 33.94 44.55
C PRO D 40 17.36 34.98 43.49
N LEU D 41 17.47 34.51 42.25
CA LEU D 41 18.07 35.29 41.18
C LEU D 41 17.15 35.45 39.97
N ILE D 42 17.41 36.46 39.15
CA ILE D 42 16.62 36.66 37.93
C ILE D 42 17.55 36.82 36.74
N PHE D 43 17.32 36.02 35.72
CA PHE D 43 18.16 35.97 34.53
C PHE D 43 17.54 36.70 33.38
N GLY D 44 18.37 37.37 32.58
CA GLY D 44 17.87 38.12 31.44
C GLY D 44 18.88 38.36 30.34
N VAL D 45 18.39 38.95 29.24
CA VAL D 45 19.21 39.46 28.12
C VAL D 45 19.08 40.97 28.01
N VAL D 46 20.07 41.57 27.39
CA VAL D 46 20.12 42.99 27.17
C VAL D 46 20.68 43.26 25.76
N GLY D 47 20.23 44.35 25.14
CA GLY D 47 20.72 44.77 23.83
C GLY D 47 19.69 44.64 22.71
N GLU D 48 19.61 45.66 21.85
CA GLU D 48 18.68 45.68 20.71
C GLU D 48 18.78 44.40 19.89
N GLU D 49 19.99 44.04 19.51
CA GLU D 49 20.23 42.91 18.63
C GLU D 49 20.01 41.58 19.36
N ALA D 50 20.59 41.45 20.55
CA ALA D 50 20.52 40.19 21.25
C ALA D 50 19.09 39.82 21.68
N MET D 51 18.31 40.80 22.11
CA MET D 51 16.89 40.55 22.45
C MET D 51 16.00 40.19 21.25
N ARG D 52 16.41 40.61 20.04
CA ARG D 52 15.74 40.18 18.79
C ARG D 52 15.92 38.67 18.58
N TYR D 53 17.11 38.14 18.92
CA TYR D 53 17.44 36.71 18.63
C TYR D 53 17.28 35.71 19.78
N PHE D 54 17.35 36.18 21.02
CA PHE D 54 17.27 35.28 22.19
C PHE D 54 16.32 35.77 23.27
N ALA D 55 15.70 34.81 23.94
CA ALA D 55 14.78 35.06 25.04
C ALA D 55 15.32 34.32 26.26
N VAL D 56 15.15 34.89 27.46
CA VAL D 56 15.63 34.25 28.67
C VAL D 56 14.48 34.09 29.66
N GLN D 57 14.25 32.86 30.09
CA GLN D 57 13.29 32.56 31.18
C GLN D 57 13.89 33.12 32.48
N GLY D 58 13.19 34.06 33.10
CA GLY D 58 13.66 34.78 34.30
C GLY D 58 14.10 33.89 35.45
N THR D 59 13.40 32.79 35.69
CA THR D 59 13.63 31.96 36.86
C THR D 59 14.59 30.84 36.59
N THR D 60 14.37 30.15 35.48
CA THR D 60 15.20 28.97 35.15
C THR D 60 16.53 29.32 34.45
N GLY D 61 16.57 30.46 33.77
CA GLY D 61 17.76 30.87 33.01
C GLY D 61 17.92 30.17 31.66
N VAL D 62 16.84 29.53 31.19
CA VAL D 62 16.85 28.87 29.88
C VAL D 62 16.79 29.93 28.79
N VAL D 63 17.72 29.83 27.83
CA VAL D 63 17.80 30.73 26.68
C VAL D 63 17.28 29.99 25.45
N TRP D 64 16.19 30.47 24.85
CA TRP D 64 15.68 29.90 23.60
CA TRP D 64 15.62 29.91 23.63
C TRP D 64 15.94 30.86 22.44
N LEU D 65 16.11 30.29 21.24
CA LEU D 65 16.25 31.07 20.01
C LEU D 65 14.87 31.56 19.54
N ARG D 66 14.67 32.87 19.45
CA ARG D 66 13.34 33.39 19.06
C ARG D 66 13.17 33.84 17.61
N GLN D 67 14.25 33.79 16.82
CA GLN D 67 14.20 34.01 15.36
C GLN D 67 15.37 33.31 14.64
N PRO D 68 15.17 32.96 13.34
CA PRO D 68 16.19 32.17 12.66
C PRO D 68 17.49 32.91 12.47
N LEU D 69 18.59 32.19 12.58
CA LEU D 69 19.90 32.73 12.29
C LEU D 69 20.23 32.54 10.81
N ASP D 70 21.23 33.27 10.34
CA ASP D 70 21.65 33.15 8.96
C ASP D 70 23.10 33.55 8.85
N ARG D 71 23.97 32.56 8.68
CA ARG D 71 25.40 32.77 8.55
C ARG D 71 25.77 33.72 7.40
N GLU D 72 24.94 33.77 6.36
CA GLU D 72 25.21 34.59 5.21
C GLU D 72 24.91 36.06 5.50
N ALA D 73 24.20 36.33 6.59
CA ALA D 73 23.90 37.69 7.08
C ALA D 73 24.78 38.09 8.27
N LYS D 74 24.97 37.18 9.22
CA LYS D 74 25.80 37.42 10.40
C LYS D 74 26.74 36.24 10.62
N SER D 75 28.01 36.50 10.84
CA SER D 75 28.97 35.46 11.18
C SER D 75 29.09 35.25 12.70
N GLU D 76 28.68 36.25 13.48
CA GLU D 76 28.83 36.23 14.94
C GLU D 76 28.00 37.34 15.63
N MET D 77 27.79 37.22 16.94
CA MET D 77 27.24 38.34 17.73
C MET D 77 27.66 38.34 19.17
N GLN D 78 27.85 39.53 19.73
CA GLN D 78 28.19 39.69 21.14
C GLN D 78 26.88 39.79 21.91
N VAL D 79 26.69 38.91 22.90
CA VAL D 79 25.42 38.84 23.66
C VAL D 79 25.67 39.04 25.14
N GLU D 80 25.04 40.09 25.68
CA GLU D 80 25.17 40.49 27.06
C GLU D 80 24.01 39.89 27.82
N PHE D 81 24.31 38.88 28.64
CA PHE D 81 23.31 38.20 29.46
C PHE D 81 23.38 38.82 30.87
N THR D 82 22.33 38.68 31.65
CA THR D 82 22.28 39.34 32.98
C THR D 82 21.82 38.40 34.09
N VAL D 83 22.30 38.67 35.29
CA VAL D 83 21.78 38.02 36.46
C VAL D 83 21.62 39.10 37.55
N SER D 84 20.47 39.06 38.23
CA SER D 84 20.14 40.01 39.28
C SER D 84 19.82 39.29 40.56
N ASP D 85 20.34 39.82 41.65
CA ASP D 85 19.87 39.49 42.99
C ASP D 85 19.03 40.67 43.45
N SER D 86 18.81 40.82 44.75
CA SER D 86 18.03 41.92 45.34
C SER D 86 18.70 43.32 45.33
N GLN D 87 20.02 43.37 45.07
CA GLN D 87 20.81 44.60 45.05
C GLN D 87 21.07 45.12 43.65
N GLY D 88 20.88 44.28 42.65
CA GLY D 88 21.01 44.74 41.28
C GLY D 88 21.59 43.74 40.32
N VAL D 89 21.94 44.26 39.16
CA VAL D 89 22.27 43.47 37.98
C VAL D 89 23.76 43.22 37.85
N VAL D 90 24.11 42.06 37.32
CA VAL D 90 25.48 41.70 36.90
C VAL D 90 25.40 41.33 35.42
N LYS D 91 26.32 41.88 34.62
CA LYS D 91 26.36 41.59 33.18
C LYS D 91 27.62 40.84 32.83
N ASP D 92 27.53 40.05 31.77
CA ASP D 92 28.67 39.29 31.24
C ASP D 92 28.39 38.99 29.77
N THR D 93 29.39 39.14 28.90
CA THR D 93 29.18 38.94 27.48
C THR D 93 29.75 37.62 26.98
N VAL D 94 29.00 37.00 26.09
CA VAL D 94 29.49 35.85 25.36
C VAL D 94 29.56 36.14 23.87
N ASN D 95 30.66 35.72 23.27
CA ASN D 95 30.85 35.65 21.84
C ASN D 95 30.06 34.45 21.31
N ILE D 96 29.00 34.70 20.54
CA ILE D 96 28.28 33.64 19.83
C ILE D 96 28.69 33.57 18.37
N GLN D 97 29.33 32.44 18.02
CA GLN D 97 29.74 32.10 16.66
C GLN D 97 28.62 31.27 16.01
N ILE D 98 28.18 31.76 14.86
CA ILE D 98 27.14 31.10 14.09
C ILE D 98 27.81 30.17 13.09
N GLY D 99 27.43 28.90 13.13
CA GLY D 99 28.13 27.86 12.38
C GLY D 99 27.51 27.66 11.03
N ASP D 100 28.32 27.42 10.01
CA ASP D 100 27.80 27.29 8.66
C ASP D 100 27.12 25.92 8.39
N VAL D 101 26.10 25.93 7.52
CA VAL D 101 25.69 24.73 6.76
C VAL D 101 25.58 25.05 5.30
N ASN D 102 25.66 24.04 4.45
CA ASN D 102 25.67 24.29 3.03
C ASN D 102 24.22 24.39 2.59
N ASP D 103 23.65 25.59 2.75
CA ASP D 103 22.24 25.86 2.41
C ASP D 103 22.01 26.81 1.23
N ASN D 104 23.06 27.11 0.46
CA ASN D 104 22.94 27.91 -0.78
C ASN D 104 23.57 27.14 -1.94
N ALA D 105 22.93 27.22 -3.12
CA ALA D 105 23.50 26.71 -4.36
C ALA D 105 24.28 27.82 -5.01
N PRO D 106 25.20 27.49 -5.94
CA PRO D 106 25.80 28.59 -6.73
C PRO D 106 24.74 29.38 -7.48
N SER D 107 24.96 30.69 -7.59
CA SER D 107 24.12 31.60 -8.40
C SER D 107 24.91 32.10 -9.58
N PHE D 108 24.41 31.88 -10.77
CA PHE D 108 25.04 32.47 -11.94
C PHE D 108 24.64 33.93 -11.99
N TYR D 109 25.60 34.75 -12.34
CA TYR D 109 25.38 36.14 -12.63
C TYR D 109 25.34 36.35 -14.18
N ASN D 110 24.56 37.34 -14.63
CA ASN D 110 24.62 37.87 -16.03
C ASN D 110 23.95 37.01 -17.11
N GLN D 111 23.07 36.06 -16.72
CA GLN D 111 22.24 35.31 -17.69
C GLN D 111 21.20 36.27 -18.31
N PRO D 112 20.80 36.07 -19.57
CA PRO D 112 21.16 34.90 -20.40
C PRO D 112 22.53 35.00 -21.07
N TYR D 113 23.24 33.86 -21.11
CA TYR D 113 24.53 33.72 -21.85
C TYR D 113 24.30 33.34 -23.31
N ALA D 114 24.70 34.24 -24.20
CA ALA D 114 24.57 34.03 -25.62
C ALA D 114 25.70 34.80 -26.29
N ILE D 115 26.54 34.09 -27.04
CA ILE D 115 27.59 34.70 -27.84
C ILE D 115 27.49 34.30 -29.29
N GLN D 116 28.24 35.04 -30.11
CA GLN D 116 28.30 34.87 -31.56
C GLN D 116 29.79 34.93 -31.95
N ILE D 117 30.27 33.84 -32.54
CA ILE D 117 31.66 33.74 -32.98
C ILE D 117 31.77 33.17 -34.41
N PRO D 118 32.80 33.58 -35.17
CA PRO D 118 32.99 33.03 -36.51
C PRO D 118 33.55 31.59 -36.54
N GLU D 119 33.29 30.91 -37.65
CA GLU D 119 33.65 29.51 -37.82
C GLU D 119 35.16 29.30 -37.90
N ASN D 120 35.90 30.37 -38.21
CA ASN D 120 37.37 30.28 -38.20
C ASN D 120 38.02 30.78 -36.90
N THR D 121 37.28 30.82 -35.79
CA THR D 121 37.88 31.19 -34.52
C THR D 121 38.94 30.14 -34.20
N PRO D 122 40.18 30.58 -33.96
CA PRO D 122 41.23 29.57 -33.71
C PRO D 122 41.02 28.75 -32.46
N VAL D 123 41.50 27.51 -32.47
CA VAL D 123 41.58 26.72 -31.26
C VAL D 123 42.44 27.48 -30.22
N GLY D 124 42.03 27.46 -28.98
CA GLY D 124 42.74 28.16 -27.92
C GLY D 124 42.14 29.52 -27.58
N THR D 125 41.25 30.04 -28.45
CA THR D 125 40.56 31.31 -28.21
C THR D 125 39.58 31.23 -27.02
N SER D 126 39.78 32.11 -26.02
CA SER D 126 38.80 32.29 -24.94
C SER D 126 37.61 33.07 -25.46
N VAL D 127 36.46 32.42 -25.52
CA VAL D 127 35.27 33.06 -26.11
C VAL D 127 34.24 33.52 -25.09
N PHE D 128 34.32 33.00 -23.85
CA PHE D 128 33.39 33.41 -22.80
C PHE D 128 33.94 33.17 -21.42
N MET D 129 33.43 33.92 -20.45
CA MET D 129 33.72 33.69 -19.05
C MET D 129 32.41 33.70 -18.31
N VAL D 130 32.13 32.63 -17.58
CA VAL D 130 30.97 32.58 -16.72
C VAL D 130 31.34 32.97 -15.30
N ASN D 131 30.37 33.58 -14.63
CA ASN D 131 30.53 34.01 -13.26
C ASN D 131 29.41 33.46 -12.38
N ALA D 132 29.83 32.82 -11.29
CA ALA D 132 28.92 32.27 -10.29
C ALA D 132 29.58 32.25 -8.92
N THR D 133 28.81 32.47 -7.87
CA THR D 133 29.37 32.50 -6.52
C THR D 133 28.48 31.71 -5.58
N ASP D 134 29.08 31.33 -4.46
CA ASP D 134 28.43 30.56 -3.45
C ASP D 134 28.93 31.14 -2.13
N PRO D 135 28.01 31.74 -1.34
CA PRO D 135 28.36 32.44 -0.09
C PRO D 135 28.59 31.53 1.14
N ASP D 136 28.28 30.23 1.07
CA ASP D 136 28.61 29.32 2.20
C ASP D 136 30.13 29.24 2.44
N GLN D 137 30.51 28.68 3.57
CA GLN D 137 31.92 28.62 3.97
C GLN D 137 32.59 27.33 3.49
N GLY D 138 33.92 27.35 3.39
CA GLY D 138 34.67 26.16 3.10
C GLY D 138 34.35 25.61 1.73
N VAL D 139 34.46 24.29 1.59
CA VAL D 139 34.14 23.60 0.35
C VAL D 139 32.68 23.75 -0.06
N GLY D 140 31.80 24.06 0.89
CA GLY D 140 30.43 24.41 0.57
C GLY D 140 30.25 25.70 -0.20
N GLY D 141 31.27 26.55 -0.25
CA GLY D 141 31.25 27.77 -1.04
C GLY D 141 32.29 27.85 -2.16
N SER D 142 32.96 26.74 -2.39
CA SER D 142 33.98 26.64 -3.39
C SER D 142 33.39 26.09 -4.73
N VAL D 143 33.34 26.94 -5.74
CA VAL D 143 32.64 26.63 -7.00
C VAL D 143 33.52 25.95 -8.07
N LEU D 144 33.08 24.80 -8.60
CA LEU D 144 33.67 24.14 -9.83
C LEU D 144 32.73 24.20 -11.01
N PHE D 145 33.22 24.70 -12.14
CA PHE D 145 32.47 24.72 -13.40
C PHE D 145 32.72 23.49 -14.27
N SER D 146 31.72 23.10 -15.05
CA SER D 146 31.82 21.98 -15.99
C SER D 146 30.69 22.01 -17.04
N PHE D 147 30.88 21.32 -18.15
CA PHE D 147 29.83 21.19 -19.14
C PHE D 147 29.11 19.87 -18.95
N GLN D 148 27.77 19.90 -18.89
CA GLN D 148 26.92 18.70 -18.77
C GLN D 148 25.91 18.62 -19.91
N PRO D 149 26.09 17.75 -20.90
CA PRO D 149 27.27 16.88 -21.07
C PRO D 149 28.54 17.67 -21.47
N PRO D 150 29.71 17.01 -21.52
CA PRO D 150 30.92 17.64 -22.09
C PRO D 150 30.82 17.84 -23.59
N SER D 151 31.58 18.80 -24.11
CA SER D 151 31.63 19.13 -25.53
C SER D 151 33.00 18.85 -26.14
N GLN D 152 33.01 18.34 -27.36
CA GLN D 152 34.24 18.03 -28.10
C GLN D 152 34.88 19.28 -28.69
N PHE D 153 34.11 20.38 -28.71
CA PHE D 153 34.51 21.63 -29.35
C PHE D 153 34.74 22.76 -28.37
N PHE D 154 34.34 22.60 -27.11
CA PHE D 154 34.62 23.64 -26.08
C PHE D 154 34.99 23.04 -24.75
N SER D 155 35.85 23.69 -24.01
CA SER D 155 36.14 23.28 -22.65
C SER D 155 35.96 24.47 -21.71
N ILE D 156 35.70 24.16 -20.45
CA ILE D 156 35.53 25.18 -19.44
C ILE D 156 36.43 24.92 -18.21
N ASP D 157 37.00 26.01 -17.70
CA ASP D 157 37.93 25.94 -16.60
C ASP D 157 37.17 25.76 -15.28
N GLY D 158 37.41 24.63 -14.62
CA GLY D 158 36.79 24.33 -13.36
C GLY D 158 36.81 25.50 -12.37
N ALA D 159 37.92 26.20 -12.24
CA ALA D 159 38.04 27.27 -11.26
C ALA D 159 37.50 28.62 -11.80
N ARG D 160 38.01 29.06 -12.96
CA ARG D 160 37.82 30.43 -13.45
C ARG D 160 36.63 30.63 -14.38
N GLY D 161 36.08 29.55 -14.90
CA GLY D 161 34.91 29.61 -15.70
C GLY D 161 35.13 30.13 -17.10
N ILE D 162 36.35 30.04 -17.62
CA ILE D 162 36.67 30.47 -18.98
C ILE D 162 36.36 29.38 -20.01
N VAL D 163 35.61 29.74 -21.04
CA VAL D 163 35.25 28.81 -22.09
C VAL D 163 36.19 29.03 -23.24
N THR D 164 36.97 28.01 -23.62
CA THR D 164 37.88 28.11 -24.81
C THR D 164 37.45 27.16 -25.88
N VAL D 165 37.82 27.45 -27.12
CA VAL D 165 37.55 26.57 -28.26
C VAL D 165 38.62 25.50 -28.29
N THR D 166 38.22 24.23 -28.28
CA THR D 166 39.18 23.09 -28.20
C THR D 166 39.39 22.28 -29.49
N ARG D 167 38.48 22.49 -30.43
CA ARG D 167 38.57 21.87 -31.73
C ARG D 167 37.94 22.82 -32.80
N ALA D 168 38.52 22.79 -34.00
CA ALA D 168 38.13 23.73 -35.05
C ALA D 168 36.66 23.59 -35.37
N LEU D 169 36.04 24.74 -35.61
CA LEU D 169 34.61 24.84 -35.85
C LEU D 169 34.33 24.77 -37.33
N ASP D 170 33.08 24.55 -37.70
CA ASP D 170 32.67 24.48 -39.09
C ASP D 170 31.22 24.84 -39.22
N TYR D 171 30.96 25.96 -39.85
CA TYR D 171 29.58 26.40 -40.16
C TYR D 171 28.85 25.38 -41.03
N GLU D 172 29.58 24.69 -41.90
CA GLU D 172 28.98 23.72 -42.84
C GLU D 172 28.62 22.41 -42.15
N THR D 173 29.09 22.19 -40.92
CA THR D 173 28.72 21.03 -40.13
C THR D 173 27.71 21.39 -39.06
N THR D 174 27.95 22.50 -38.36
CA THR D 174 27.16 22.89 -37.15
C THR D 174 27.08 24.43 -37.00
N ILE D 175 25.86 25.00 -36.96
CA ILE D 175 25.68 26.48 -36.91
C ILE D 175 25.44 27.08 -35.51
N ALA D 176 24.97 26.25 -34.59
CA ALA D 176 24.76 26.70 -33.20
C ALA D 176 25.15 25.58 -32.23
N TYR D 177 25.63 25.95 -31.04
CA TYR D 177 25.75 25.01 -29.96
C TYR D 177 24.88 25.47 -28.76
N GLN D 178 24.16 24.53 -28.12
CA GLN D 178 23.50 24.82 -26.84
C GLN D 178 24.20 24.03 -25.77
N LEU D 179 25.15 24.68 -25.08
CA LEU D 179 25.91 24.04 -24.02
C LEU D 179 25.27 24.29 -22.68
N THR D 180 25.39 23.31 -21.79
CA THR D 180 24.85 23.45 -20.44
C THR D 180 25.97 23.53 -19.41
N VAL D 181 26.08 24.66 -18.75
CA VAL D 181 27.10 24.84 -17.71
C VAL D 181 26.60 24.38 -16.36
N ASN D 182 27.44 23.67 -15.64
CA ASN D 182 27.10 23.21 -14.30
C ASN D 182 28.06 23.88 -13.34
N ALA D 183 27.50 24.58 -12.36
CA ALA D 183 28.24 25.13 -11.25
C ALA D 183 27.84 24.39 -10.01
N THR D 184 28.79 23.69 -9.40
CA THR D 184 28.54 22.96 -8.15
C THR D 184 29.49 23.37 -7.05
N ASP D 185 29.00 23.34 -5.81
CA ASP D 185 29.89 23.46 -4.70
C ASP D 185 30.44 22.10 -4.41
N GLN D 186 31.42 22.04 -3.54
CA GLN D 186 32.17 20.82 -3.31
C GLN D 186 31.97 20.21 -1.91
N ASP D 187 30.83 20.47 -1.29
CA ASP D 187 30.43 19.82 -0.05
C ASP D 187 30.34 18.33 -0.35
N LYS D 188 30.87 17.51 0.55
CA LYS D 188 30.88 16.06 0.31
C LYS D 188 29.62 15.39 0.81
N ARG D 189 28.84 16.09 1.66
CA ARG D 189 27.64 15.54 2.22
C ARG D 189 26.48 15.68 1.26
N ARG D 190 26.14 16.92 0.91
CA ARG D 190 24.97 17.22 0.09
C ARG D 190 25.31 18.43 -0.80
N PRO D 191 26.10 18.16 -1.87
CA PRO D 191 26.57 19.22 -2.77
C PRO D 191 25.45 19.80 -3.59
N LEU D 192 25.36 21.11 -3.59
CA LEU D 192 24.34 21.83 -4.31
C LEU D 192 24.90 22.38 -5.59
N SER D 193 24.06 22.39 -6.63
CA SER D 193 24.46 22.89 -7.94
C SER D 193 23.34 23.59 -8.70
N SER D 194 23.77 24.33 -9.74
CA SER D 194 22.90 25.10 -10.66
C SER D 194 23.34 24.93 -12.11
N LEU D 195 22.38 25.09 -13.02
CA LEU D 195 22.62 24.90 -14.44
C LEU D 195 22.39 26.21 -15.14
N ALA D 196 23.12 26.44 -16.22
CA ALA D 196 22.97 27.63 -17.04
C ALA D 196 23.22 27.30 -18.54
N ASN D 197 22.29 27.68 -19.41
CA ASN D 197 22.50 27.54 -20.85
C ASN D 197 23.54 28.57 -21.32
N LEU D 198 24.38 28.13 -22.26
CA LEU D 198 25.25 29.02 -22.99
C LEU D 198 25.01 28.77 -24.45
N ALA D 199 24.50 29.78 -25.16
CA ALA D 199 24.13 29.64 -26.59
C ALA D 199 25.26 30.21 -27.43
N ILE D 200 25.88 29.39 -28.27
CA ILE D 200 26.98 29.84 -29.09
C ILE D 200 26.55 29.85 -30.56
N THR D 201 26.33 31.03 -31.12
CA THR D 201 25.99 31.15 -32.55
C THR D 201 27.27 31.22 -33.37
N ILE D 202 27.35 30.40 -34.42
CA ILE D 202 28.51 30.40 -35.33
C ILE D 202 28.18 31.22 -36.58
N THR D 203 29.10 32.05 -37.03
CA THR D 203 28.92 32.81 -38.26
C THR D 203 29.74 32.22 -39.39
N ASP D 204 29.20 32.32 -40.60
CA ASP D 204 29.80 31.76 -41.82
C ASP D 204 31.01 32.56 -42.32
N ILE D 205 32.06 31.85 -42.71
CA ILE D 205 33.23 32.39 -43.39
C ILE D 205 33.27 31.79 -44.80
N GLN D 206 33.69 32.60 -45.77
CA GLN D 206 33.90 32.13 -47.15
C GLN D 206 35.01 31.08 -47.21
N ASP D 207 34.62 29.81 -47.32
CA ASP D 207 35.57 28.72 -47.47
C ASP D 207 35.04 27.51 -48.27
N MET D 208 33.99 27.71 -49.08
CA MET D 208 33.40 26.67 -49.93
C MET D 208 33.32 27.17 -51.35
N ASP D 209 33.80 26.40 -52.32
CA ASP D 209 33.57 26.71 -53.75
C ASP D 209 32.07 26.63 -54.11
N PRO D 210 31.66 27.26 -55.21
CA PRO D 210 30.32 27.03 -55.71
C PRO D 210 30.13 25.66 -56.39
N ILE D 211 28.88 25.28 -56.65
CA ILE D 211 28.56 23.99 -57.26
C ILE D 211 27.35 24.14 -58.17
N PHE D 212 27.36 23.47 -59.30
CA PHE D 212 26.20 23.53 -60.21
C PHE D 212 25.01 22.74 -59.67
N THR D 213 23.83 23.18 -60.07
CA THR D 213 22.54 22.65 -59.65
C THR D 213 21.82 22.23 -60.90
N ASN D 214 20.84 21.34 -60.75
CA ASN D 214 19.93 20.94 -61.84
C ASN D 214 20.63 20.17 -62.95
N LEU D 215 21.68 19.43 -62.60
CA LEU D 215 22.39 18.57 -63.55
C LEU D 215 21.51 17.34 -63.93
N PRO D 216 21.73 16.69 -65.09
CA PRO D 216 22.78 17.01 -66.08
C PRO D 216 22.31 18.08 -67.06
N TYR D 217 23.23 18.71 -67.79
CA TYR D 217 22.88 19.86 -68.66
C TYR D 217 22.67 19.59 -70.16
N SER D 218 23.04 18.41 -70.66
CA SER D 218 22.89 18.12 -72.09
C SER D 218 21.47 18.31 -72.60
N THR D 219 21.30 19.07 -73.68
CA THR D 219 19.97 19.38 -74.24
C THR D 219 19.94 19.20 -75.74
N ASN D 220 18.74 19.01 -76.26
CA ASN D 220 18.50 18.93 -77.69
C ASN D 220 17.76 20.19 -78.05
N ILE D 221 18.03 20.76 -79.22
CA ILE D 221 17.29 21.94 -79.68
C ILE D 221 16.93 21.85 -81.14
N MET D 222 15.98 22.69 -81.55
CA MET D 222 15.49 22.69 -82.95
C MET D 222 16.56 23.18 -83.94
N GLU D 223 16.69 22.51 -85.08
CA GLU D 223 17.58 22.93 -86.20
C GLU D 223 17.42 24.44 -86.58
N ASP D 224 16.17 24.93 -86.54
CA ASP D 224 15.78 26.30 -86.95
C ASP D 224 15.59 27.31 -85.78
N ALA D 225 15.91 26.91 -84.55
CA ALA D 225 15.78 27.77 -83.37
C ALA D 225 16.46 29.13 -83.60
N PRO D 226 15.65 30.21 -83.61
CA PRO D 226 16.09 31.55 -84.02
C PRO D 226 16.80 32.33 -82.90
N PRO D 227 17.57 33.36 -83.26
CA PRO D 227 18.25 34.15 -82.23
C PRO D 227 17.32 34.66 -81.12
N GLY D 228 17.77 34.53 -79.87
CA GLY D 228 16.98 34.83 -78.68
C GLY D 228 16.34 33.63 -77.98
N TYR D 229 16.22 32.51 -78.70
CA TYR D 229 15.56 31.33 -78.17
C TYR D 229 16.41 30.74 -77.04
N GLU D 230 15.75 30.33 -75.96
CA GLU D 230 16.45 29.80 -74.79
C GLU D 230 16.67 28.30 -74.98
N VAL D 231 17.92 27.88 -74.86
CA VAL D 231 18.31 26.47 -74.88
C VAL D 231 18.04 25.88 -73.49
N ARG D 232 18.66 26.48 -72.48
CA ARG D 232 18.35 26.11 -71.09
C ARG D 232 18.83 27.16 -70.09
N LYS D 233 18.56 26.92 -68.83
CA LYS D 233 19.06 27.74 -67.74
C LYS D 233 20.18 26.94 -67.08
N ILE D 234 21.24 27.62 -66.65
CA ILE D 234 22.24 26.99 -65.80
C ILE D 234 22.27 27.74 -64.49
N ARG D 235 22.46 26.99 -63.41
CA ARG D 235 22.36 27.52 -62.08
C ARG D 235 23.48 26.97 -61.22
N ALA D 236 24.08 27.82 -60.40
CA ALA D 236 25.11 27.39 -59.43
C ALA D 236 24.90 28.18 -58.16
N ILE D 237 25.27 27.60 -57.03
CA ILE D 237 25.17 28.32 -55.76
C ILE D 237 26.49 28.32 -55.04
N ASP D 238 26.71 29.36 -54.24
CA ASP D 238 27.75 29.39 -53.24
C ASP D 238 27.33 28.41 -52.16
N GLN D 239 28.23 27.46 -51.84
CA GLN D 239 27.99 26.49 -50.78
C GLN D 239 28.21 27.05 -49.37
N ASP D 240 28.72 28.28 -49.28
CA ASP D 240 28.68 29.04 -48.02
C ASP D 240 27.29 29.65 -47.86
N LEU D 241 26.44 29.01 -47.06
CA LEU D 241 25.00 29.31 -47.08
C LEU D 241 24.56 30.44 -46.18
N GLY D 242 25.39 30.82 -45.22
CA GLY D 242 25.06 31.87 -44.26
C GLY D 242 25.21 33.26 -44.85
N ARG D 243 26.33 33.50 -45.56
CA ARG D 243 26.64 34.81 -46.19
C ARG D 243 27.01 34.57 -47.65
N PRO D 244 26.02 34.19 -48.49
CA PRO D 244 26.35 33.68 -49.82
C PRO D 244 26.68 34.79 -50.79
N ARG D 245 27.75 34.64 -51.54
CA ARG D 245 28.01 35.53 -52.68
C ARG D 245 27.14 35.17 -53.90
N GLY D 246 26.93 36.17 -54.76
CA GLY D 246 26.26 35.96 -56.04
C GLY D 246 27.20 35.33 -57.05
N ILE D 247 26.66 34.94 -58.20
CA ILE D 247 27.38 34.16 -59.19
C ILE D 247 27.38 34.87 -60.56
N GLY D 248 28.52 34.81 -61.24
CA GLY D 248 28.64 35.17 -62.66
C GLY D 248 28.90 33.91 -63.51
N TYR D 249 28.09 33.76 -64.57
CA TYR D 249 28.18 32.62 -65.48
C TYR D 249 28.85 33.05 -66.80
N THR D 250 29.90 32.35 -67.23
CA THR D 250 30.54 32.59 -68.54
C THR D 250 30.68 31.31 -69.38
N ILE D 251 30.81 31.50 -70.70
CA ILE D 251 31.18 30.41 -71.60
C ILE D 251 32.69 30.44 -71.83
N ILE D 252 33.32 29.28 -71.58
CA ILE D 252 34.77 29.07 -71.72
C ILE D 252 35.19 28.52 -73.06
N SER D 253 34.38 27.64 -73.65
CA SER D 253 34.89 26.76 -74.70
C SER D 253 33.81 26.21 -75.64
N GLY D 254 34.16 26.01 -76.91
CA GLY D 254 33.30 25.29 -77.86
C GLY D 254 32.12 26.04 -78.46
N ASN D 255 32.10 27.37 -78.29
CA ASN D 255 31.04 28.24 -78.80
C ASN D 255 31.35 28.72 -80.25
N THR D 256 31.34 27.80 -81.19
CA THR D 256 31.79 28.05 -82.54
C THR D 256 30.98 29.15 -83.20
N ASN D 257 31.66 30.08 -83.86
CA ASN D 257 31.05 31.22 -84.53
C ASN D 257 29.95 31.93 -83.74
N SER D 258 30.25 32.12 -82.44
CA SER D 258 29.43 32.90 -81.52
C SER D 258 27.96 32.50 -81.51
N MET D 259 27.72 31.21 -81.69
CA MET D 259 26.36 30.67 -81.83
C MET D 259 25.51 30.81 -80.57
N PHE D 260 26.13 30.76 -79.40
CA PHE D 260 25.42 30.80 -78.13
C PHE D 260 25.82 31.96 -77.23
N ALA D 261 24.88 32.34 -76.37
CA ALA D 261 25.09 33.42 -75.41
C ALA D 261 24.59 32.95 -74.08
N LEU D 262 25.17 33.52 -73.04
CA LEU D 262 24.89 33.13 -71.66
C LEU D 262 24.79 34.39 -70.83
N ASP D 263 23.60 34.68 -70.30
CA ASP D 263 23.46 35.83 -69.42
C ASP D 263 24.32 35.64 -68.16
N TYR D 264 25.10 36.67 -67.84
CA TYR D 264 26.07 36.64 -66.74
C TYR D 264 25.41 36.45 -65.38
N ILE D 265 24.20 36.96 -65.20
CA ILE D 265 23.54 36.96 -63.90
C ILE D 265 22.44 35.90 -63.82
N SER D 266 21.64 35.75 -64.88
CA SER D 266 20.47 34.85 -64.88
C SER D 266 20.80 33.43 -65.26
N GLY D 267 21.95 33.22 -65.89
CA GLY D 267 22.32 31.90 -66.41
C GLY D 267 21.46 31.38 -67.57
N SER D 268 20.72 32.26 -68.24
CA SER D 268 19.98 31.85 -69.41
C SER D 268 20.96 31.70 -70.57
N LEU D 269 20.97 30.51 -71.17
CA LEU D 269 21.80 30.19 -72.32
C LEU D 269 20.89 30.28 -73.56
N THR D 270 21.21 31.14 -74.52
CA THR D 270 20.34 31.38 -75.65
C THR D 270 21.05 31.14 -76.97
N VAL D 271 20.29 31.08 -78.04
CA VAL D 271 20.86 31.09 -79.38
C VAL D 271 21.18 32.52 -79.77
N SER D 272 22.35 32.68 -80.35
CA SER D 272 22.92 33.97 -80.68
C SER D 272 23.08 34.19 -82.22
N GLY D 273 23.54 33.17 -82.94
CA GLY D 273 23.80 33.25 -84.39
C GLY D 273 22.73 32.53 -85.20
N GLN D 274 23.01 32.29 -86.47
CA GLN D 274 22.05 31.67 -87.38
C GLN D 274 22.37 30.18 -87.41
N LEU D 275 21.53 29.39 -86.75
CA LEU D 275 21.73 27.94 -86.68
C LEU D 275 21.38 27.26 -87.98
N ASP D 276 22.41 26.83 -88.69
CA ASP D 276 22.27 26.19 -89.98
C ASP D 276 22.60 24.68 -89.82
N ARG D 277 21.56 23.82 -89.73
CA ARG D 277 21.77 22.33 -89.63
C ARG D 277 22.43 21.65 -90.86
N GLU D 278 22.56 22.38 -91.96
CA GLU D 278 23.25 21.84 -93.13
C GLU D 278 24.71 22.30 -93.29
N ASN D 279 25.18 23.20 -92.43
CA ASN D 279 26.62 23.47 -92.25
C ASN D 279 27.21 22.33 -91.37
N PRO D 280 28.27 21.66 -91.85
CA PRO D 280 28.87 20.56 -91.04
C PRO D 280 29.43 20.99 -89.66
N LEU D 281 29.85 22.24 -89.59
CA LEU D 281 30.34 22.84 -88.35
C LEU D 281 29.33 22.70 -87.21
N TYR D 282 28.03 22.72 -87.54
CA TYR D 282 26.93 22.74 -86.56
C TYR D 282 26.01 21.49 -86.52
N SER D 283 25.97 20.68 -87.57
CA SER D 283 24.93 19.63 -87.66
C SER D 283 25.09 18.58 -86.55
N SER D 284 26.33 18.22 -86.24
CA SER D 284 26.64 17.32 -85.13
C SER D 284 26.61 17.97 -83.73
N GLY D 285 26.40 19.28 -83.65
CA GLY D 285 26.19 19.94 -82.38
C GLY D 285 27.45 20.49 -81.76
N PHE D 286 27.37 20.77 -80.48
CA PHE D 286 28.37 21.57 -79.78
C PHE D 286 28.75 20.92 -78.48
N ILE D 287 30.02 21.02 -78.12
CA ILE D 287 30.52 20.60 -76.81
C ILE D 287 30.96 21.86 -76.05
N ILE D 288 30.21 22.20 -75.01
CA ILE D 288 30.31 23.51 -74.38
C ILE D 288 30.81 23.38 -72.96
N THR D 289 31.76 24.23 -72.59
CA THR D 289 32.21 24.33 -71.22
C THR D 289 31.79 25.70 -70.62
N VAL D 290 31.14 25.66 -69.47
CA VAL D 290 30.73 26.88 -68.77
C VAL D 290 31.40 26.93 -67.40
N LYS D 291 31.47 28.12 -66.83
CA LYS D 291 32.11 28.38 -65.58
C LYS D 291 31.16 29.23 -64.80
N ALA D 292 30.99 28.89 -63.53
CA ALA D 292 30.27 29.75 -62.58
C ALA D 292 31.31 30.30 -61.60
N THR D 293 31.35 31.63 -61.49
CA THR D 293 32.32 32.32 -60.64
C THR D 293 31.57 33.05 -59.53
N GLU D 294 31.96 32.86 -58.27
CA GLU D 294 31.42 33.69 -57.19
C GLU D 294 31.90 35.12 -57.38
N LEU D 295 31.01 36.06 -57.14
CA LEU D 295 31.32 37.49 -57.26
C LEU D 295 31.56 38.17 -55.90
N ASN D 296 32.48 39.14 -55.88
CA ASN D 296 32.61 40.05 -54.76
C ASN D 296 31.37 40.99 -54.64
N ASP D 297 31.32 41.81 -53.60
CA ASP D 297 30.24 42.80 -53.44
C ASP D 297 30.19 43.81 -54.61
N ASP D 298 31.37 44.28 -55.06
CA ASP D 298 31.45 45.17 -56.25
C ASP D 298 31.11 44.48 -57.59
N ARG D 299 30.94 43.15 -57.56
CA ARG D 299 30.55 42.33 -58.72
C ARG D 299 31.73 41.97 -59.65
N THR D 300 32.96 42.36 -59.30
CA THR D 300 34.18 41.76 -59.87
C THR D 300 34.29 40.30 -59.43
N PRO D 301 34.91 39.47 -60.28
CA PRO D 301 35.08 38.07 -59.95
C PRO D 301 36.11 37.78 -58.84
N SER D 302 35.75 36.82 -57.98
CA SER D 302 36.64 36.17 -57.00
C SER D 302 37.35 34.96 -57.61
N SER D 303 38.22 34.34 -56.83
CA SER D 303 38.90 33.12 -57.25
C SER D 303 38.06 31.81 -57.09
N ALA D 304 36.82 31.88 -56.57
CA ALA D 304 36.01 30.69 -56.28
C ALA D 304 35.15 30.35 -57.48
N THR D 305 35.52 29.27 -58.16
CA THR D 305 34.90 28.89 -59.42
C THR D 305 34.58 27.42 -59.50
N VAL D 306 33.66 27.09 -60.40
CA VAL D 306 33.36 25.74 -60.77
C VAL D 306 33.05 25.74 -62.27
N THR D 307 33.46 24.69 -62.96
CA THR D 307 33.14 24.54 -64.36
C THR D 307 32.46 23.20 -64.60
N THR D 308 31.66 23.16 -65.67
CA THR D 308 31.09 21.92 -66.19
C THR D 308 30.93 21.95 -67.73
N THR D 309 30.76 20.78 -68.30
CA THR D 309 30.85 20.58 -69.73
C THR D 309 29.71 19.69 -70.22
N PHE D 310 29.09 20.09 -71.32
CA PHE D 310 27.88 19.41 -71.74
C PHE D 310 27.69 19.58 -73.22
N THR D 311 26.74 18.82 -73.77
CA THR D 311 26.50 18.68 -75.20
C THR D 311 25.20 19.43 -75.57
N ILE D 312 25.21 20.13 -76.70
CA ILE D 312 23.99 20.61 -77.34
C ILE D 312 23.84 19.94 -78.71
N LEU D 313 22.77 19.17 -78.90
CA LEU D 313 22.50 18.47 -80.16
C LEU D 313 21.31 19.06 -80.91
N LEU D 314 21.21 18.72 -82.20
CA LEU D 314 20.15 19.23 -83.07
C LEU D 314 19.12 18.16 -83.49
N ILE D 315 17.99 18.64 -84.04
CA ILE D 315 16.85 17.80 -84.48
C ILE D 315 15.95 18.56 -85.47
CA CA E . 35.73 23.84 40.23
CA CA F . 25.86 3.70 5.13
CA CA G . 21.93 4.18 5.20
CA CA H . 17.93 2.34 0.23
CA CA I . -1.00 -25.87 -27.62
CA CA J . -2.99 -22.14 -27.51
CA CA K . -3.72 -31.22 -30.76
C1 MPD L . 18.62 23.43 29.05
C2 MPD L . 19.13 22.42 28.02
O2 MPD L . 20.09 21.61 28.68
CM MPD L . 17.96 21.54 27.57
C3 MPD L . 19.78 23.19 26.85
C4 MPD L . 21.15 22.70 26.34
O4 MPD L . 21.98 22.17 27.35
C5 MPD L . 21.00 21.66 25.25
CA CA M . -20.91 -42.75 -34.14
CA CA N . -8.93 -20.97 0.23
CA CA O . -9.66 -24.57 1.54
CA CA P . -7.32 -15.67 4.03
CA CA Q . 15.98 6.57 33.79
CA CA R . 13.19 9.00 31.68
CA CA S . 20.77 9.15 37.83
C1 MRD T . -18.77 -22.91 -28.93
C2 MRD T . -18.12 -23.81 -27.88
O2 MRD T . -18.24 -25.16 -28.33
CM MRD T . -16.65 -23.43 -27.73
C3 MRD T . -18.87 -23.68 -26.55
C4 MRD T . -18.64 -24.84 -25.58
O4 MRD T . -19.30 -26.05 -26.00
C5 MRD T . -19.14 -24.49 -24.18
CA CA U . -32.18 -18.87 -1.06
CA CA V . -52.02 -3.92 42.83
CA CA W . -48.45 -6.44 37.68
CA CA X . -46.13 -9.43 38.06
CA CA Y . -32.22 -19.21 -7.83
CA CA Z . -32.73 -16.00 -10.14
CA CA AA . -28.84 -31.69 -48.98
CA CA BA . 26.91 26.22 -1.15
CA CA CA . 31.95 30.40 -51.33
CA CA DA . 31.72 28.62 -44.83
CA CA EA . 33.90 25.89 -43.16
CA CA FA . 25.33 28.70 4.91
CA CA GA . 21.93 30.63 5.59
CA CA HA . 23.82 38.75 46.80
#